data_6C6O
#
_entry.id   6C6O
#
_cell.length_a   79.562
_cell.length_b   79.562
_cell.length_c   227.412
_cell.angle_alpha   90.00
_cell.angle_beta   90.00
_cell.angle_gamma   90.00
#
_symmetry.space_group_name_H-M   'P 43 21 2'
#
loop_
_entity.id
_entity.type
_entity.pdbx_description
1 polymer 'Malate synthase G'
2 non-polymer 'MAGNESIUM ION'
3 non-polymer '(2Z)-4-(2-bromo-4-hydroxyphenyl)-2-hydroxy-4-oxobut-2-enoic acid'
4 water water
#
_entity_poly.entity_id   1
_entity_poly.type   'polypeptide(L)'
_entity_poly.pdbx_seq_one_letter_code
;MTDRVSVGNLRIARVLYDFVNNEALPGTDIDPDSFWAGVDKVVADLTPQNQALLNARDELQAQIDKWHRRRVIEPIDMDA
YRQFLTEIGYLLPEPDDFTITTSGVDAEITTTAGPQLVVPVLNARFALNAANARWGSLYDALYGTDVIPETDGAEKGPTY
NKVRGDKVIAYARKFLDDSVPLSSGSFGDATGFTVQDGQLVVALPDKSTGLANPGQFAGYTGAAESPTSVLLINHGLHIE
ILIDPESQVGTTDRAGVKDVILESAITTIMDFEDSVAAVDAADKVLGYRNWLGLNKGDLAAAVDKDGTAFLRVLNRDRNY
TAPGGGQFTLPGRSLMFVRNVGHLMTNDAIVDTDGSEVFEGIMDALFTGLIAIHGLKASDVNGPLINSRTGSIYIVKPKM
HGPAEVAFTCELFSRVEDVLGLPQNTMKIGIMDEERRTTVNLKACIKAAADRVVFINTGFLDRTGDEIHTSMEAGPMVRK
GTMKSQPWILAYEDHNVDAGLAAGFSGRAQVGKGMWTMTELMADMVETKIAQPRAGASTAWVPSPTAATLHALHYHQVDV
AAVQQGLAGKRRATIEQLLTIPLAKELAWAPDEIREEVDNNCQSILGYVVRWVDQGVGASKVPDIHDVALMEDRATLRIS
SQLLANWLRHGVITSADVRASLERMAPLVDRQNAGDVAYRPMAPNFDDSIAFLAAQELILSGAQQPNGYTEPILHRRRRE
FKARAAEKPAPSDRAGDDAAR
;
_entity_poly.pdbx_strand_id   A
#
loop_
_chem_comp.id
_chem_comp.type
_chem_comp.name
_chem_comp.formula
ENG non-polymer '(2Z)-4-(2-bromo-4-hydroxyphenyl)-2-hydroxy-4-oxobut-2-enoic acid' 'C10 H7 Br O5'
MG non-polymer 'MAGNESIUM ION' 'Mg 2'
#
# COMPACT_ATOMS: atom_id res chain seq x y z
N THR A 2 9.30 27.70 -27.12
CA THR A 2 9.49 26.62 -26.17
C THR A 2 8.59 25.44 -26.49
N ASP A 3 9.03 24.23 -26.12
CA ASP A 3 8.27 23.03 -26.38
C ASP A 3 6.93 23.05 -25.64
N ARG A 4 6.92 23.57 -24.41
CA ARG A 4 5.70 23.60 -23.61
C ARG A 4 4.57 24.34 -24.27
N VAL A 5 3.39 23.99 -23.87
CA VAL A 5 2.19 24.51 -24.51
C VAL A 5 1.54 25.51 -23.58
N SER A 6 1.04 26.60 -24.17
CA SER A 6 0.61 27.76 -23.40
C SER A 6 -0.91 27.70 -23.23
N VAL A 7 -1.36 27.79 -21.98
CA VAL A 7 -2.75 27.67 -21.57
C VAL A 7 -2.87 28.48 -20.29
N GLY A 8 -3.63 29.57 -20.32
CA GLY A 8 -3.65 30.48 -19.20
C GLY A 8 -2.26 30.89 -18.76
N ASN A 9 -1.96 30.73 -17.47
CA ASN A 9 -0.61 30.99 -16.96
C ASN A 9 0.26 29.74 -16.88
N LEU A 10 -0.10 28.65 -17.54
CA LEU A 10 0.68 27.42 -17.49
C LEU A 10 1.41 27.15 -18.79
N ARG A 11 2.60 26.55 -18.66
CA ARG A 11 3.34 25.98 -19.78
C ARG A 11 3.38 24.47 -19.58
N ILE A 12 2.47 23.77 -20.26
CA ILE A 12 2.34 22.33 -20.12
C ILE A 12 3.30 21.63 -21.06
N ALA A 13 4.12 20.74 -20.51
CA ALA A 13 5.01 19.93 -21.34
C ALA A 13 4.22 19.20 -22.42
N ARG A 14 4.75 19.28 -23.65
CA ARG A 14 4.06 18.78 -24.84
C ARG A 14 3.57 17.35 -24.68
N VAL A 15 4.41 16.48 -24.11
CA VAL A 15 4.14 15.05 -24.03
C VAL A 15 2.93 14.79 -23.12
N LEU A 16 2.85 15.52 -22.03
CA LEU A 16 1.65 15.47 -21.20
C LEU A 16 0.44 15.99 -21.99
N TYR A 17 0.55 17.21 -22.55
CA TYR A 17 -0.52 17.81 -23.33
C TYR A 17 -1.04 16.87 -24.43
N ASP A 18 -0.13 16.30 -25.23
CA ASP A 18 -0.55 15.33 -26.24
C ASP A 18 -1.23 14.09 -25.62
N PHE A 19 -0.68 13.55 -24.51
CA PHE A 19 -1.28 12.35 -23.91
C PHE A 19 -2.72 12.60 -23.48
N VAL A 20 -2.94 13.66 -22.70
CA VAL A 20 -4.29 14.00 -22.24
C VAL A 20 -5.25 14.17 -23.44
N ASN A 21 -4.80 14.85 -24.51
CA ASN A 21 -5.73 15.12 -25.62
C ASN A 21 -5.99 13.87 -26.44
N ASN A 22 -4.95 13.12 -26.81
CA ASN A 22 -5.13 12.01 -27.73
C ASN A 22 -5.69 10.75 -27.05
N GLU A 23 -5.38 10.51 -25.76
CA GLU A 23 -5.70 9.24 -25.07
C GLU A 23 -6.69 9.37 -23.92
N ALA A 24 -6.54 10.40 -23.09
CA ALA A 24 -7.29 10.58 -21.86
C ALA A 24 -8.68 11.17 -22.10
N LEU A 25 -8.73 12.37 -22.66
CA LEU A 25 -10.01 13.05 -22.90
C LEU A 25 -10.98 12.30 -23.82
N PRO A 26 -10.59 11.71 -24.95
CA PRO A 26 -11.59 11.04 -25.79
C PRO A 26 -12.30 9.92 -25.03
N GLY A 27 -13.59 10.10 -24.79
CA GLY A 27 -14.41 9.11 -24.16
C GLY A 27 -15.18 9.71 -23.00
N THR A 28 -14.63 10.76 -22.42
CA THR A 28 -15.18 11.40 -21.24
C THR A 28 -16.15 12.53 -21.54
N ASP A 29 -16.34 12.87 -22.81
CA ASP A 29 -17.29 13.90 -23.24
C ASP A 29 -17.00 15.26 -22.59
N ILE A 30 -15.73 15.53 -22.30
CA ILE A 30 -15.29 16.82 -21.77
C ILE A 30 -14.51 17.50 -22.89
N ASP A 31 -14.82 18.77 -23.13
CA ASP A 31 -14.22 19.47 -24.25
C ASP A 31 -12.80 19.86 -23.89
N PRO A 32 -11.81 19.45 -24.68
CA PRO A 32 -10.40 19.65 -24.27
C PRO A 32 -10.06 21.08 -23.92
N ASP A 33 -10.86 22.05 -24.37
CA ASP A 33 -10.48 23.42 -24.03
C ASP A 33 -11.02 23.83 -22.67
N SER A 34 -12.24 23.39 -22.32
CA SER A 34 -12.73 23.64 -20.97
C SER A 34 -11.97 22.82 -19.94
N PHE A 35 -11.48 21.64 -20.32
CA PHE A 35 -10.69 20.86 -19.39
C PHE A 35 -9.42 21.60 -18.98
N TRP A 36 -8.66 22.09 -19.97
CA TRP A 36 -7.41 22.80 -19.65
C TRP A 36 -7.73 24.11 -18.95
N ALA A 37 -8.86 24.72 -19.30
CA ALA A 37 -9.31 25.92 -18.60
C ALA A 37 -9.54 25.65 -17.13
N GLY A 38 -10.14 24.50 -16.79
CA GLY A 38 -10.29 24.14 -15.40
C GLY A 38 -8.96 23.92 -14.73
N VAL A 39 -8.05 23.22 -15.42
CA VAL A 39 -6.71 22.95 -14.89
C VAL A 39 -6.01 24.25 -14.52
N ASP A 40 -5.95 25.19 -15.46
CA ASP A 40 -5.30 26.47 -15.19
C ASP A 40 -5.99 27.19 -14.05
N LYS A 41 -7.32 27.14 -14.05
CA LYS A 41 -8.13 27.83 -13.04
C LYS A 41 -7.93 27.21 -11.65
N VAL A 42 -8.11 25.88 -11.54
CA VAL A 42 -7.94 25.21 -10.24
C VAL A 42 -6.54 25.44 -9.69
N VAL A 43 -5.50 25.29 -10.53
CA VAL A 43 -4.13 25.44 -10.04
C VAL A 43 -3.92 26.84 -9.48
N ALA A 44 -4.33 27.86 -10.24
CA ALA A 44 -4.22 29.24 -9.78
C ALA A 44 -5.00 29.46 -8.49
N ASP A 45 -6.14 28.78 -8.36
CA ASP A 45 -6.99 28.95 -7.18
C ASP A 45 -6.32 28.35 -5.95
N LEU A 46 -5.79 27.13 -6.07
CA LEU A 46 -5.44 26.33 -4.91
C LEU A 46 -3.98 26.42 -4.51
N THR A 47 -3.07 26.83 -5.41
CA THR A 47 -1.66 26.87 -5.04
C THR A 47 -1.41 27.72 -3.79
N PRO A 48 -2.03 28.90 -3.61
CA PRO A 48 -1.84 29.65 -2.35
C PRO A 48 -1.90 28.81 -1.07
N GLN A 49 -3.09 28.34 -0.67
CA GLN A 49 -3.21 27.72 0.64
C GLN A 49 -2.59 26.32 0.70
N ASN A 50 -2.41 25.65 -0.45
CA ASN A 50 -1.45 24.56 -0.54
C ASN A 50 -0.11 24.98 0.08
N GLN A 51 0.45 26.09 -0.44
CA GLN A 51 1.74 26.55 0.05
C GLN A 51 1.63 27.08 1.47
N ALA A 52 0.50 27.68 1.81
CA ALA A 52 0.28 28.10 3.19
C ALA A 52 0.40 26.91 4.14
N LEU A 53 -0.25 25.79 3.82
CA LEU A 53 -0.20 24.62 4.69
C LEU A 53 1.20 24.07 4.84
N LEU A 54 2.00 24.13 3.77
CA LEU A 54 3.37 23.66 3.86
C LEU A 54 4.19 24.53 4.80
N ASN A 55 3.92 25.84 4.82
CA ASN A 55 4.60 26.72 5.77
C ASN A 55 4.20 26.41 7.21
N ALA A 56 2.94 26.03 7.43
CA ALA A 56 2.50 25.67 8.78
C ALA A 56 3.23 24.44 9.31
N ARG A 57 3.56 23.47 8.44
CA ARG A 57 4.41 22.37 8.86
C ARG A 57 5.75 22.88 9.35
N ASP A 58 6.43 23.70 8.52
CA ASP A 58 7.75 24.23 8.87
C ASP A 58 7.70 25.09 10.12
N GLU A 59 6.58 25.79 10.34
CA GLU A 59 6.43 26.66 11.50
C GLU A 59 6.22 25.84 12.77
N LEU A 60 5.21 24.96 12.78
CA LEU A 60 4.96 24.08 13.92
C LEU A 60 6.20 23.29 14.28
N GLN A 61 6.88 22.75 13.26
CA GLN A 61 8.10 21.99 13.50
C GLN A 61 9.17 22.86 14.15
N ALA A 62 9.34 24.09 13.64
CA ALA A 62 10.40 24.95 14.17
C ALA A 62 10.21 25.21 15.67
N GLN A 63 8.96 25.34 16.12
CA GLN A 63 8.69 25.49 17.54
C GLN A 63 9.14 24.26 18.32
N ILE A 64 8.84 23.07 17.78
CA ILE A 64 9.16 21.84 18.51
C ILE A 64 10.67 21.69 18.68
N ASP A 65 11.44 21.97 17.62
CA ASP A 65 12.88 21.76 17.64
C ASP A 65 13.55 22.55 18.76
N LYS A 66 13.25 23.84 18.88
CA LYS A 66 13.88 24.68 19.89
C LYS A 66 13.32 24.42 21.27
N TRP A 67 12.10 23.88 21.35
CA TRP A 67 11.55 23.47 22.64
C TRP A 67 12.45 22.46 23.32
N HIS A 68 12.86 21.43 22.58
CA HIS A 68 13.63 20.34 23.21
C HIS A 68 15.06 20.75 23.54
N ARG A 69 15.62 21.77 22.88
CA ARG A 69 16.91 22.27 23.34
C ARG A 69 16.76 23.16 24.58
N ARG A 70 15.63 23.06 25.28
CA ARG A 70 15.44 23.53 26.65
C ARG A 70 14.54 22.51 27.33
N ARG A 71 13.23 22.79 27.32
CA ARG A 71 12.12 21.86 27.52
C ARG A 71 10.89 22.68 27.85
N ASP A 77 8.63 14.00 30.19
CA ASP A 77 8.21 15.23 30.85
C ASP A 77 6.95 15.83 30.21
N MET A 78 5.86 15.05 30.22
CA MET A 78 4.78 15.23 29.26
C MET A 78 3.79 16.33 29.66
N ASP A 79 3.83 16.83 30.89
CA ASP A 79 2.83 17.83 31.27
C ASP A 79 3.05 19.14 30.53
N ALA A 80 4.27 19.69 30.63
CA ALA A 80 4.57 20.91 29.91
C ALA A 80 4.48 20.69 28.40
N TYR A 81 4.84 19.49 27.94
CA TYR A 81 4.89 19.20 26.51
C TYR A 81 3.49 19.20 25.90
N ARG A 82 2.59 18.40 26.45
CA ARG A 82 1.26 18.27 25.86
C ARG A 82 0.55 19.61 25.83
N GLN A 83 0.65 20.38 26.91
CA GLN A 83 0.01 21.69 26.95
C GLN A 83 0.60 22.62 25.90
N PHE A 84 1.92 22.50 25.66
CA PHE A 84 2.58 23.36 24.68
C PHE A 84 2.19 22.99 23.25
N LEU A 85 1.91 21.72 22.99
CA LEU A 85 1.53 21.31 21.64
C LEU A 85 0.12 21.76 21.30
N THR A 86 -0.81 21.63 22.26
CA THR A 86 -2.15 22.15 21.99
C THR A 86 -2.16 23.68 21.94
N GLU A 87 -1.21 24.31 22.63
CA GLU A 87 -1.08 25.76 22.56
C GLU A 87 -0.76 26.22 21.13
N ILE A 88 0.25 25.62 20.52
CA ILE A 88 0.78 26.12 19.25
C ILE A 88 -0.07 25.69 18.07
N GLY A 89 -1.19 25.01 18.33
CA GLY A 89 -2.09 24.54 17.29
C GLY A 89 -1.77 23.17 16.73
N TYR A 90 -0.74 22.52 17.24
CA TYR A 90 -0.39 21.16 16.83
C TYR A 90 -1.51 20.20 17.22
N LEU A 91 -1.65 20.00 18.53
CA LEU A 91 -2.77 19.27 19.12
C LEU A 91 -4.00 20.17 19.10
N LEU A 92 -5.06 19.73 18.44
CA LEU A 92 -6.30 20.48 18.34
C LEU A 92 -7.39 19.78 19.12
N PRO A 93 -8.49 20.48 19.43
CA PRO A 93 -9.61 19.85 20.13
C PRO A 93 -10.15 18.65 19.37
N GLU A 94 -10.85 17.78 20.11
CA GLU A 94 -11.55 16.62 19.59
C GLU A 94 -13.01 16.96 19.35
N PRO A 95 -13.59 16.66 18.20
CA PRO A 95 -15.00 16.98 17.97
C PRO A 95 -15.92 16.02 18.70
N ASP A 96 -17.22 16.32 18.63
CA ASP A 96 -18.22 15.39 19.16
C ASP A 96 -18.21 14.11 18.35
N ASP A 97 -18.60 13.01 19.01
CA ASP A 97 -18.75 11.75 18.32
C ASP A 97 -19.69 11.90 17.12
N PHE A 98 -19.35 11.22 16.03
CA PHE A 98 -20.08 11.34 14.77
C PHE A 98 -19.97 10.02 14.01
N THR A 99 -20.69 9.94 12.88
CA THR A 99 -20.63 8.79 11.99
C THR A 99 -20.48 9.27 10.54
N ILE A 100 -19.64 8.57 9.77
CA ILE A 100 -19.38 8.94 8.38
C ILE A 100 -20.61 8.70 7.52
N THR A 101 -20.76 9.53 6.49
CA THR A 101 -21.95 9.47 5.65
C THR A 101 -21.63 9.09 4.20
N THR A 102 -20.47 8.49 3.95
CA THR A 102 -20.08 8.18 2.58
C THR A 102 -20.99 7.11 2.00
N SER A 103 -21.49 7.32 0.79
CA SER A 103 -22.46 6.41 0.19
C SER A 103 -22.01 6.00 -1.22
N GLY A 104 -22.70 5.00 -1.76
CA GLY A 104 -22.39 4.50 -3.08
C GLY A 104 -20.97 3.96 -3.18
N VAL A 105 -20.61 3.11 -2.22
CA VAL A 105 -19.29 2.50 -2.14
C VAL A 105 -19.42 1.03 -2.48
N ASP A 106 -18.47 0.50 -3.25
CA ASP A 106 -18.45 -0.92 -3.57
C ASP A 106 -18.38 -1.78 -2.30
N ALA A 107 -18.97 -2.97 -2.37
CA ALA A 107 -18.99 -3.90 -1.23
C ALA A 107 -17.59 -4.34 -0.82
N GLU A 108 -16.61 -4.34 -1.73
CA GLU A 108 -15.22 -4.64 -1.38
C GLU A 108 -14.70 -3.79 -0.24
N ILE A 109 -15.23 -2.58 -0.06
CA ILE A 109 -14.71 -1.64 0.92
C ILE A 109 -15.62 -1.53 2.14
N THR A 110 -16.94 -1.54 1.94
CA THR A 110 -17.85 -1.42 3.08
C THR A 110 -17.88 -2.71 3.89
N THR A 111 -17.89 -3.84 3.20
CA THR A 111 -18.24 -5.10 3.84
C THR A 111 -17.08 -6.08 3.90
N THR A 112 -16.53 -6.50 2.76
CA THR A 112 -15.57 -7.59 2.76
C THR A 112 -14.29 -7.21 3.50
N ALA A 113 -13.76 -8.16 4.27
CA ALA A 113 -12.47 -8.01 4.92
C ALA A 113 -11.48 -8.95 4.25
N GLY A 114 -10.22 -8.52 4.11
CA GLY A 114 -9.28 -9.26 3.31
C GLY A 114 -8.14 -8.40 2.80
N PRO A 115 -7.14 -9.04 2.20
CA PRO A 115 -5.87 -8.35 1.93
C PRO A 115 -6.03 -7.19 0.94
N GLN A 116 -5.08 -6.27 1.03
CA GLN A 116 -4.98 -5.09 0.18
C GLN A 116 -3.57 -5.04 -0.37
N LEU A 117 -3.46 -5.01 -1.69
CA LEU A 117 -2.18 -5.10 -2.39
C LEU A 117 -1.78 -3.74 -2.97
N VAL A 118 -0.48 -3.45 -3.01
CA VAL A 118 0.04 -2.20 -3.54
C VAL A 118 1.19 -2.50 -4.51
N VAL A 119 1.08 -1.95 -5.74
CA VAL A 119 2.14 -2.05 -6.74
C VAL A 119 2.48 -0.69 -7.37
N PRO A 120 3.69 -0.54 -7.88
CA PRO A 120 4.03 0.69 -8.61
C PRO A 120 3.30 0.72 -9.95
N VAL A 121 2.57 1.82 -10.19
CA VAL A 121 1.75 1.96 -11.40
C VAL A 121 2.58 2.16 -12.65
N LEU A 122 3.84 2.57 -12.51
CA LEU A 122 4.75 2.64 -13.64
C LEU A 122 5.22 1.26 -14.11
N ASN A 123 4.99 0.19 -13.35
CA ASN A 123 5.37 -1.15 -13.80
C ASN A 123 4.13 -1.87 -14.28
N ALA A 124 4.00 -2.04 -15.60
CA ALA A 124 2.73 -2.49 -16.15
C ALA A 124 2.47 -3.98 -15.90
N ARG A 125 3.49 -4.82 -15.95
CA ARG A 125 3.22 -6.24 -15.76
C ARG A 125 2.94 -6.56 -14.29
N PHE A 126 3.59 -5.83 -13.38
CA PHE A 126 3.19 -5.90 -11.98
C PHE A 126 1.74 -5.48 -11.83
N ALA A 127 1.40 -4.29 -12.35
CA ALA A 127 0.04 -3.79 -12.25
C ALA A 127 -0.96 -4.75 -12.87
N LEU A 128 -0.57 -5.39 -13.96
CA LEU A 128 -1.44 -6.43 -14.52
C LEU A 128 -1.60 -7.59 -13.54
N ASN A 129 -0.50 -8.04 -12.93
CA ASN A 129 -0.62 -9.14 -11.98
C ASN A 129 -1.43 -8.74 -10.76
N ALA A 130 -1.38 -7.47 -10.36
CA ALA A 130 -2.07 -7.04 -9.14
C ALA A 130 -3.57 -6.95 -9.33
N ALA A 131 -4.02 -6.43 -10.48
CA ALA A 131 -5.45 -6.39 -10.76
C ALA A 131 -5.98 -7.79 -11.04
N ASN A 132 -5.13 -8.67 -11.58
CA ASN A 132 -5.43 -10.09 -11.73
C ASN A 132 -5.34 -10.86 -10.40
N ALA A 133 -4.94 -10.21 -9.30
CA ALA A 133 -4.65 -10.95 -8.08
C ALA A 133 -5.86 -11.11 -7.16
N ARG A 134 -7.06 -10.76 -7.65
CA ARG A 134 -8.24 -11.05 -6.84
C ARG A 134 -8.46 -12.56 -6.67
N TRP A 135 -7.83 -13.39 -7.49
CA TRP A 135 -7.99 -14.84 -7.38
C TRP A 135 -6.62 -15.51 -7.47
N GLY A 136 -6.28 -16.29 -6.46
CA GLY A 136 -4.95 -16.90 -6.39
C GLY A 136 -4.97 -18.36 -6.01
N SER A 137 -4.10 -19.13 -6.66
CA SER A 137 -3.95 -20.54 -6.32
C SER A 137 -3.29 -20.67 -4.95
N LEU A 138 -3.90 -21.48 -4.08
CA LEU A 138 -3.28 -21.78 -2.80
C LEU A 138 -2.18 -22.82 -2.95
N TYR A 139 -2.33 -23.77 -3.87
CA TYR A 139 -1.26 -24.75 -4.06
C TYR A 139 0.04 -24.05 -4.44
N ASP A 140 -0.01 -23.06 -5.34
CA ASP A 140 1.22 -22.41 -5.80
C ASP A 140 1.85 -21.56 -4.71
N ALA A 141 1.06 -20.86 -3.90
CA ALA A 141 1.66 -20.09 -2.82
C ALA A 141 2.22 -20.99 -1.71
N LEU A 142 1.64 -22.17 -1.46
CA LEU A 142 2.21 -23.08 -0.47
C LEU A 142 3.46 -23.76 -1.01
N TYR A 143 3.40 -24.25 -2.26
CA TYR A 143 4.54 -24.96 -2.82
C TYR A 143 5.65 -23.99 -3.19
N GLY A 144 5.30 -22.79 -3.65
CA GLY A 144 6.26 -21.83 -4.12
C GLY A 144 7.07 -21.14 -3.05
N THR A 145 6.67 -21.21 -1.78
CA THR A 145 7.33 -20.46 -0.73
C THR A 145 7.77 -21.34 0.42
N ASP A 146 8.27 -20.75 1.52
CA ASP A 146 8.74 -21.50 2.67
C ASP A 146 7.65 -21.80 3.68
N VAL A 147 6.37 -21.75 3.31
CA VAL A 147 5.34 -22.10 4.28
C VAL A 147 5.41 -23.59 4.58
N ILE A 148 5.58 -24.41 3.55
CA ILE A 148 6.03 -25.78 3.70
C ILE A 148 7.54 -25.71 3.87
N PRO A 149 8.07 -26.19 4.98
CA PRO A 149 9.53 -26.17 5.17
C PRO A 149 10.24 -26.96 4.09
N GLU A 150 11.38 -26.41 3.63
CA GLU A 150 12.18 -27.10 2.63
C GLU A 150 13.16 -28.08 3.27
N THR A 151 12.72 -28.73 4.35
CA THR A 151 13.54 -29.71 5.04
C THR A 151 13.65 -31.00 4.22
N ASP A 152 13.73 -32.13 4.93
CA ASP A 152 13.64 -33.51 4.44
C ASP A 152 13.69 -33.69 2.92
N GLY A 153 12.70 -34.41 2.39
CA GLY A 153 12.60 -34.60 0.96
C GLY A 153 11.50 -33.76 0.35
N ALA A 154 11.24 -32.60 0.97
CA ALA A 154 10.19 -31.68 0.53
C ALA A 154 10.76 -30.36 0.02
N GLU A 155 11.92 -30.40 -0.63
CA GLU A 155 12.54 -29.17 -1.13
C GLU A 155 12.21 -28.96 -2.60
N LYS A 156 11.92 -27.72 -2.95
CA LYS A 156 11.68 -27.34 -4.33
C LYS A 156 12.90 -27.66 -5.19
N GLY A 157 12.65 -28.23 -6.37
CA GLY A 157 13.72 -28.59 -7.27
C GLY A 157 13.50 -28.03 -8.66
N PRO A 158 14.10 -28.67 -9.67
CA PRO A 158 13.84 -28.24 -11.05
C PRO A 158 12.59 -28.91 -11.64
N THR A 159 12.25 -30.11 -11.18
CA THR A 159 10.96 -30.72 -11.48
C THR A 159 10.09 -30.77 -10.24
N TYR A 160 8.79 -30.93 -10.48
CA TYR A 160 7.82 -31.03 -9.39
C TYR A 160 8.16 -32.15 -8.40
N ASN A 161 8.21 -31.79 -7.12
CA ASN A 161 8.48 -32.71 -6.03
C ASN A 161 7.16 -33.15 -5.41
N LYS A 162 6.96 -34.47 -5.32
CA LYS A 162 5.67 -34.99 -4.86
C LYS A 162 5.61 -35.06 -3.33
N VAL A 163 6.71 -35.32 -2.65
CA VAL A 163 6.69 -35.24 -1.20
C VAL A 163 6.21 -33.86 -0.78
N ARG A 164 6.80 -32.82 -1.38
CA ARG A 164 6.32 -31.47 -1.12
C ARG A 164 4.88 -31.29 -1.59
N GLY A 165 4.50 -31.98 -2.67
CA GLY A 165 3.18 -31.78 -3.23
C GLY A 165 2.06 -32.23 -2.31
N ASP A 166 2.24 -33.38 -1.63
CA ASP A 166 1.21 -33.88 -0.74
C ASP A 166 1.11 -33.06 0.53
N LYS A 167 2.22 -32.54 1.02
CA LYS A 167 2.14 -31.63 2.16
C LYS A 167 1.39 -30.36 1.78
N VAL A 168 1.53 -29.90 0.54
CA VAL A 168 0.64 -28.82 0.10
C VAL A 168 -0.80 -29.28 0.24
N ILE A 169 -1.11 -30.44 -0.32
CA ILE A 169 -2.49 -30.89 -0.34
C ILE A 169 -3.00 -31.08 1.09
N ALA A 170 -2.19 -31.71 1.96
CA ALA A 170 -2.63 -31.91 3.34
C ALA A 170 -2.82 -30.58 4.06
N TYR A 171 -1.92 -29.63 3.85
CA TYR A 171 -2.10 -28.29 4.40
C TYR A 171 -3.43 -27.70 3.95
N ALA A 172 -3.70 -27.75 2.64
CA ALA A 172 -4.96 -27.17 2.15
C ALA A 172 -6.15 -27.99 2.65
N ARG A 173 -5.99 -29.32 2.78
CA ARG A 173 -7.08 -30.13 3.33
C ARG A 173 -7.44 -29.69 4.73
N LYS A 174 -6.44 -29.35 5.53
CA LYS A 174 -6.72 -28.85 6.87
C LYS A 174 -7.46 -27.52 6.81
N PHE A 175 -7.00 -26.59 5.96
CA PHE A 175 -7.66 -25.29 5.78
C PHE A 175 -9.13 -25.47 5.48
N LEU A 176 -9.46 -26.40 4.59
CA LEU A 176 -10.86 -26.72 4.31
C LEU A 176 -11.58 -27.21 5.56
N ASP A 177 -10.90 -27.99 6.41
CA ASP A 177 -11.56 -28.45 7.64
C ASP A 177 -11.84 -27.29 8.58
N ASP A 178 -10.88 -26.37 8.74
CA ASP A 178 -11.04 -25.27 9.68
C ASP A 178 -11.75 -24.05 9.08
N SER A 179 -12.26 -24.15 7.86
CA SER A 179 -13.01 -23.03 7.28
C SER A 179 -14.41 -23.40 6.87
N VAL A 180 -14.59 -24.55 6.23
CA VAL A 180 -15.91 -25.03 5.83
C VAL A 180 -16.09 -26.41 6.44
N PRO A 181 -16.49 -26.51 7.70
CA PRO A 181 -16.55 -27.83 8.36
C PRO A 181 -17.56 -28.77 7.68
N LEU A 182 -17.23 -30.05 7.70
CA LEU A 182 -18.22 -31.06 7.35
C LEU A 182 -19.00 -31.44 8.60
N SER A 183 -20.19 -32.01 8.40
CA SER A 183 -21.01 -32.40 9.54
C SER A 183 -20.33 -33.50 10.36
N SER A 184 -19.66 -34.44 9.69
CA SER A 184 -18.85 -35.43 10.38
C SER A 184 -17.74 -35.89 9.45
N GLY A 185 -16.49 -35.79 9.92
CA GLY A 185 -15.38 -36.19 9.11
C GLY A 185 -14.51 -35.05 8.62
N SER A 186 -13.62 -35.37 7.69
CA SER A 186 -12.52 -34.50 7.31
C SER A 186 -12.37 -34.46 5.80
N PHE A 187 -12.05 -33.26 5.28
CA PHE A 187 -11.79 -33.13 3.84
C PHE A 187 -10.61 -33.98 3.39
N GLY A 188 -9.69 -34.32 4.30
CA GLY A 188 -8.55 -35.14 3.93
C GLY A 188 -8.95 -36.52 3.46
N ASP A 189 -9.99 -37.10 4.05
CA ASP A 189 -10.56 -38.35 3.60
C ASP A 189 -11.67 -38.16 2.57
N ALA A 190 -11.78 -36.98 1.97
CA ALA A 190 -12.80 -36.75 0.95
C ALA A 190 -12.47 -37.55 -0.30
N THR A 191 -13.48 -38.24 -0.84
CA THR A 191 -13.33 -39.05 -2.04
C THR A 191 -14.28 -38.64 -3.15
N GLY A 192 -15.13 -37.65 -2.92
CA GLY A 192 -15.98 -37.20 -4.00
C GLY A 192 -16.76 -35.96 -3.65
N PHE A 193 -17.12 -35.17 -4.65
CA PHE A 193 -17.94 -33.99 -4.45
C PHE A 193 -19.07 -34.01 -5.47
N THR A 194 -20.27 -33.65 -5.03
CA THR A 194 -21.40 -33.49 -5.92
C THR A 194 -22.44 -32.69 -5.15
N VAL A 195 -23.35 -32.06 -5.89
CA VAL A 195 -24.48 -31.36 -5.30
C VAL A 195 -25.75 -32.02 -5.82
N GLN A 196 -26.53 -32.60 -4.90
CA GLN A 196 -27.78 -33.26 -5.22
C GLN A 196 -28.92 -32.55 -4.51
N ASP A 197 -29.83 -31.98 -5.29
CA ASP A 197 -31.02 -31.27 -4.80
C ASP A 197 -30.67 -29.96 -4.09
N GLY A 198 -29.61 -29.28 -4.54
CA GLY A 198 -29.29 -27.96 -4.07
C GLY A 198 -28.23 -27.87 -2.99
N GLN A 199 -27.85 -28.98 -2.36
CA GLN A 199 -26.75 -28.94 -1.39
C GLN A 199 -25.73 -30.01 -1.72
N LEU A 200 -24.47 -29.65 -1.48
CA LEU A 200 -23.31 -30.45 -1.82
C LEU A 200 -23.15 -31.60 -0.84
N VAL A 201 -23.02 -32.81 -1.37
CA VAL A 201 -22.70 -33.97 -0.55
C VAL A 201 -21.24 -34.33 -0.82
N VAL A 202 -20.44 -34.35 0.24
CA VAL A 202 -19.06 -34.81 0.16
C VAL A 202 -19.06 -36.30 0.47
N ALA A 203 -18.47 -37.08 -0.42
CA ALA A 203 -18.34 -38.51 -0.18
C ALA A 203 -17.14 -38.80 0.72
N LEU A 204 -17.34 -39.73 1.66
CA LEU A 204 -16.32 -40.22 2.57
C LEU A 204 -16.10 -41.70 2.30
N PRO A 205 -15.19 -42.41 3.01
CA PRO A 205 -15.02 -43.84 2.74
C PRO A 205 -16.29 -44.65 2.98
N ASP A 206 -16.78 -44.61 4.22
CA ASP A 206 -17.93 -45.38 4.66
C ASP A 206 -19.20 -44.53 4.74
N LYS A 207 -19.05 -43.26 5.09
CA LYS A 207 -20.16 -42.35 5.32
C LYS A 207 -20.29 -41.38 4.14
N SER A 208 -21.37 -40.61 4.15
CA SER A 208 -21.52 -39.47 3.28
C SER A 208 -22.09 -38.32 4.11
N THR A 209 -21.36 -37.21 4.14
CA THR A 209 -21.68 -36.08 5.00
C THR A 209 -21.76 -34.81 4.16
N GLY A 210 -22.30 -33.75 4.76
CA GLY A 210 -22.38 -32.45 4.12
C GLY A 210 -21.77 -31.37 5.00
N LEU A 211 -21.92 -30.10 4.59
CA LEU A 211 -21.34 -29.02 5.37
C LEU A 211 -22.11 -28.81 6.67
N ALA A 212 -21.37 -28.59 7.76
CA ALA A 212 -22.01 -28.31 9.03
C ALA A 212 -22.93 -27.11 8.93
N ASN A 213 -22.47 -26.05 8.27
CA ASN A 213 -23.32 -24.99 7.77
C ASN A 213 -23.46 -25.19 6.27
N PRO A 214 -24.55 -25.78 5.79
CA PRO A 214 -24.73 -25.91 4.34
C PRO A 214 -24.84 -24.59 3.60
N GLY A 215 -24.92 -23.45 4.31
CA GLY A 215 -25.01 -22.16 3.64
C GLY A 215 -23.71 -21.67 3.04
N GLN A 216 -22.57 -22.22 3.48
CA GLN A 216 -21.29 -21.84 2.92
C GLN A 216 -21.09 -22.35 1.50
N PHE A 217 -22.03 -23.14 0.97
CA PHE A 217 -21.96 -23.56 -0.42
C PHE A 217 -22.43 -22.40 -1.32
N ALA A 218 -21.56 -21.95 -2.23
CA ALA A 218 -21.85 -20.77 -3.04
C ALA A 218 -22.26 -21.11 -4.47
N GLY A 219 -21.71 -22.17 -5.03
CA GLY A 219 -22.01 -22.55 -6.39
C GLY A 219 -20.95 -23.50 -6.91
N TYR A 220 -20.99 -23.75 -8.21
CA TYR A 220 -20.10 -24.76 -8.78
C TYR A 220 -20.01 -24.57 -10.30
N THR A 221 -19.00 -25.20 -10.89
CA THR A 221 -18.95 -25.35 -12.35
C THR A 221 -19.38 -26.75 -12.72
N GLY A 222 -19.43 -27.01 -14.02
CA GLY A 222 -19.76 -28.32 -14.53
C GLY A 222 -21.12 -28.87 -14.16
N ALA A 223 -21.41 -30.05 -14.70
CA ALA A 223 -22.62 -30.77 -14.33
C ALA A 223 -22.66 -30.95 -12.82
N ALA A 224 -23.85 -30.80 -12.23
CA ALA A 224 -23.98 -31.11 -10.80
C ALA A 224 -23.62 -32.55 -10.49
N GLU A 225 -23.66 -33.43 -11.49
CA GLU A 225 -23.13 -34.78 -11.31
C GLU A 225 -21.65 -34.74 -10.97
N SER A 226 -20.83 -34.19 -11.86
CA SER A 226 -19.37 -34.21 -11.73
C SER A 226 -18.82 -32.80 -11.84
N PRO A 227 -19.06 -31.95 -10.82
CA PRO A 227 -18.66 -30.54 -10.91
C PRO A 227 -17.18 -30.37 -11.23
N THR A 228 -16.89 -29.50 -12.20
CA THR A 228 -15.51 -29.16 -12.49
C THR A 228 -14.88 -28.31 -11.39
N SER A 229 -15.67 -27.85 -10.44
CA SER A 229 -15.19 -27.08 -9.33
C SER A 229 -16.36 -26.91 -8.37
N VAL A 230 -16.05 -26.53 -7.13
CA VAL A 230 -17.10 -26.15 -6.20
C VAL A 230 -16.65 -24.90 -5.47
N LEU A 231 -17.50 -23.88 -5.51
CA LEU A 231 -17.26 -22.61 -4.84
C LEU A 231 -17.83 -22.64 -3.42
N LEU A 232 -17.03 -22.17 -2.46
CA LEU A 232 -17.40 -22.10 -1.06
C LEU A 232 -17.16 -20.69 -0.55
N ILE A 233 -17.92 -20.29 0.46
CA ILE A 233 -17.79 -18.96 1.05
C ILE A 233 -17.55 -19.09 2.56
N ASN A 234 -16.70 -18.22 3.11
CA ASN A 234 -16.56 -18.12 4.56
C ASN A 234 -15.98 -16.76 4.92
N HIS A 235 -16.69 -16.01 5.77
CA HIS A 235 -16.29 -14.67 6.19
C HIS A 235 -16.35 -13.70 5.00
N GLY A 236 -17.29 -13.96 4.10
CA GLY A 236 -17.43 -13.23 2.87
C GLY A 236 -16.36 -13.52 1.84
N LEU A 237 -15.45 -14.46 2.12
CA LEU A 237 -14.36 -14.78 1.21
C LEU A 237 -14.62 -16.11 0.51
N HIS A 238 -14.43 -16.12 -0.81
CA HIS A 238 -14.79 -17.25 -1.65
C HIS A 238 -13.64 -18.25 -1.79
N ILE A 239 -13.98 -19.54 -1.73
CA ILE A 239 -13.02 -20.61 -1.91
C ILE A 239 -13.49 -21.50 -3.06
N GLU A 240 -12.65 -21.67 -4.07
CA GLU A 240 -12.93 -22.59 -5.17
C GLU A 240 -12.04 -23.82 -5.07
N ILE A 241 -12.66 -24.99 -5.13
CA ILE A 241 -11.97 -26.27 -5.25
C ILE A 241 -12.17 -26.76 -6.68
N LEU A 242 -11.08 -26.87 -7.43
CA LEU A 242 -11.13 -27.30 -8.83
C LEU A 242 -11.03 -28.82 -8.91
N ILE A 243 -12.10 -29.49 -9.31
CA ILE A 243 -12.12 -30.94 -9.38
C ILE A 243 -11.84 -31.33 -10.82
N ASP A 244 -10.59 -31.72 -11.10
CA ASP A 244 -10.26 -32.29 -12.40
C ASP A 244 -9.17 -33.33 -12.20
N PRO A 245 -9.54 -34.61 -12.14
CA PRO A 245 -8.52 -35.67 -11.96
C PRO A 245 -7.65 -35.89 -13.17
N GLU A 246 -7.97 -35.28 -14.32
CA GLU A 246 -7.09 -35.36 -15.48
C GLU A 246 -5.69 -34.86 -15.14
N SER A 247 -5.62 -33.76 -14.41
CA SER A 247 -4.38 -33.03 -14.20
C SER A 247 -3.34 -33.90 -13.51
N GLN A 248 -2.08 -33.44 -13.57
CA GLN A 248 -1.03 -34.12 -12.80
C GLN A 248 -1.40 -34.16 -11.33
N VAL A 249 -1.72 -33.00 -10.75
CA VAL A 249 -2.08 -32.98 -9.34
C VAL A 249 -3.41 -33.69 -9.14
N GLY A 250 -4.33 -33.59 -10.10
CA GLY A 250 -5.59 -34.26 -9.96
C GLY A 250 -5.45 -35.76 -9.92
N THR A 251 -4.56 -36.31 -10.75
CA THR A 251 -4.41 -37.76 -10.84
C THR A 251 -3.98 -38.37 -9.51
N THR A 252 -3.30 -37.60 -8.66
CA THR A 252 -2.80 -38.13 -7.39
C THR A 252 -3.78 -37.91 -6.24
N ASP A 253 -4.58 -36.86 -6.29
CA ASP A 253 -5.44 -36.52 -5.16
C ASP A 253 -6.61 -37.49 -5.06
N ARG A 254 -6.95 -37.86 -3.82
CA ARG A 254 -8.00 -38.83 -3.54
C ARG A 254 -9.42 -38.28 -3.70
N ALA A 255 -9.57 -37.00 -4.03
CA ALA A 255 -10.87 -36.48 -4.46
C ALA A 255 -10.77 -35.78 -5.81
N GLY A 256 -9.77 -36.14 -6.61
CA GLY A 256 -9.60 -35.55 -7.92
C GLY A 256 -9.26 -34.07 -7.90
N VAL A 257 -8.98 -33.52 -6.72
CA VAL A 257 -8.82 -32.08 -6.58
C VAL A 257 -7.53 -31.64 -7.26
N LYS A 258 -7.64 -30.60 -8.08
CA LYS A 258 -6.52 -30.00 -8.80
C LYS A 258 -5.88 -28.84 -8.06
N ASP A 259 -6.62 -28.14 -7.20
CA ASP A 259 -6.13 -26.88 -6.64
C ASP A 259 -7.19 -26.31 -5.72
N VAL A 260 -6.75 -25.38 -4.87
CA VAL A 260 -7.61 -24.61 -3.99
C VAL A 260 -7.35 -23.14 -4.32
N ILE A 261 -8.38 -22.44 -4.77
CA ILE A 261 -8.27 -21.04 -5.18
C ILE A 261 -8.98 -20.17 -4.15
N LEU A 262 -8.28 -19.15 -3.66
CA LEU A 262 -8.80 -18.22 -2.68
C LEU A 262 -8.97 -16.85 -3.31
N GLU A 263 -10.09 -16.20 -3.00
CA GLU A 263 -10.16 -14.75 -3.19
C GLU A 263 -9.06 -14.10 -2.35
N SER A 264 -8.16 -13.39 -3.03
CA SER A 264 -6.94 -12.92 -2.39
C SER A 264 -6.87 -11.41 -2.32
N ALA A 265 -6.63 -10.75 -3.46
CA ALA A 265 -6.53 -9.28 -3.48
C ALA A 265 -7.92 -8.71 -3.68
N ILE A 266 -8.58 -8.38 -2.56
CA ILE A 266 -9.90 -7.77 -2.63
C ILE A 266 -9.81 -6.38 -3.24
N THR A 267 -8.86 -5.59 -2.76
CA THR A 267 -8.52 -4.33 -3.40
C THR A 267 -7.01 -4.26 -3.59
N THR A 268 -6.63 -3.61 -4.66
CA THR A 268 -5.25 -3.30 -4.98
C THR A 268 -5.10 -1.78 -4.98
N ILE A 269 -3.92 -1.28 -4.64
CA ILE A 269 -3.64 0.14 -4.70
C ILE A 269 -2.56 0.41 -5.75
N MET A 270 -2.98 0.86 -6.93
CA MET A 270 -2.03 1.36 -7.92
C MET A 270 -1.37 2.63 -7.42
N ASP A 271 -0.05 2.60 -7.35
CA ASP A 271 0.71 3.61 -6.62
C ASP A 271 1.46 4.59 -7.53
N PHE A 272 1.27 5.89 -7.29
CA PHE A 272 2.03 6.96 -7.90
C PHE A 272 3.06 7.59 -6.96
N GLU A 273 3.17 7.13 -5.72
CA GLU A 273 3.99 7.84 -4.73
C GLU A 273 5.22 6.99 -4.40
N ASP A 274 5.29 6.45 -3.18
CA ASP A 274 6.54 6.00 -2.60
C ASP A 274 7.14 4.77 -3.26
N SER A 275 6.39 4.04 -4.07
CA SER A 275 6.96 2.93 -4.79
C SER A 275 7.37 3.27 -6.22
N VAL A 276 7.14 4.50 -6.71
CA VAL A 276 7.51 4.89 -8.08
C VAL A 276 8.55 6.00 -8.08
N ALA A 277 9.37 6.03 -9.13
CA ALA A 277 10.20 7.19 -9.46
C ALA A 277 9.60 7.91 -10.67
N ALA A 278 9.23 9.18 -10.49
CA ALA A 278 8.57 9.97 -11.54
C ALA A 278 8.90 11.44 -11.33
N VAL A 279 9.88 11.95 -12.08
CA VAL A 279 10.50 13.23 -11.80
C VAL A 279 10.34 14.26 -12.93
N ASP A 280 9.87 13.88 -14.11
CA ASP A 280 9.58 14.81 -15.19
C ASP A 280 8.32 14.35 -15.91
N ALA A 281 7.91 15.10 -16.94
CA ALA A 281 6.63 14.81 -17.57
C ALA A 281 6.63 13.48 -18.32
N ALA A 282 7.79 12.98 -18.71
CA ALA A 282 7.81 11.66 -19.35
C ALA A 282 7.49 10.54 -18.37
N ASP A 283 7.98 10.61 -17.12
CA ASP A 283 7.71 9.53 -16.17
C ASP A 283 6.22 9.44 -15.85
N LYS A 284 5.62 10.58 -15.52
CA LYS A 284 4.22 10.60 -15.10
C LYS A 284 3.30 10.04 -16.18
N VAL A 285 3.68 10.17 -17.45
CA VAL A 285 2.80 9.76 -18.52
C VAL A 285 2.84 8.25 -18.74
N LEU A 286 3.99 7.60 -18.55
CA LEU A 286 3.97 6.14 -18.44
C LEU A 286 3.01 5.70 -17.34
N GLY A 287 3.13 6.27 -16.14
CA GLY A 287 2.15 6.00 -15.12
C GLY A 287 0.72 6.21 -15.59
N TYR A 288 0.38 7.48 -15.88
CA TYR A 288 -0.93 7.85 -16.38
C TYR A 288 -1.40 6.94 -17.50
N ARG A 289 -0.50 6.51 -18.37
CA ARG A 289 -0.93 5.65 -19.47
C ARG A 289 -1.28 4.26 -18.96
N ASN A 290 -0.49 3.75 -18.00
CA ASN A 290 -0.82 2.49 -17.34
C ASN A 290 -2.14 2.58 -16.61
N TRP A 291 -2.31 3.64 -15.80
CA TRP A 291 -3.57 3.82 -15.08
C TRP A 291 -4.77 3.90 -16.04
N LEU A 292 -4.59 4.60 -17.18
CA LEU A 292 -5.63 4.65 -18.23
C LEU A 292 -5.87 3.27 -18.82
N GLY A 293 -4.80 2.53 -19.12
CA GLY A 293 -4.94 1.16 -19.59
C GLY A 293 -5.75 0.28 -18.66
N LEU A 294 -5.59 0.48 -17.33
CA LEU A 294 -6.36 -0.31 -16.38
C LEU A 294 -7.81 0.14 -16.35
N ASN A 295 -8.06 1.44 -16.30
CA ASN A 295 -9.44 1.89 -16.21
C ASN A 295 -10.20 1.57 -17.48
N LYS A 296 -9.53 1.56 -18.64
CA LYS A 296 -10.19 1.12 -19.86
C LYS A 296 -10.44 -0.38 -19.81
N GLY A 297 -9.40 -1.15 -19.50
CA GLY A 297 -9.49 -2.60 -19.51
C GLY A 297 -8.79 -3.18 -20.72
N ASP A 298 -7.78 -2.50 -21.22
CA ASP A 298 -7.05 -2.96 -22.39
C ASP A 298 -5.55 -2.99 -22.16
N LEU A 299 -5.10 -2.67 -20.94
CA LEU A 299 -3.74 -2.95 -20.51
C LEU A 299 -3.33 -4.36 -20.92
N ALA A 300 -2.12 -4.47 -21.48
CA ALA A 300 -1.61 -5.73 -21.98
C ALA A 300 -0.09 -5.60 -22.06
N ALA A 301 0.58 -6.75 -21.98
CA ALA A 301 2.03 -6.81 -22.12
C ALA A 301 2.46 -8.20 -22.57
N ARG A 312 -0.59 -11.64 -20.09
CA ARG A 312 -0.84 -10.71 -21.19
C ARG A 312 -1.96 -9.72 -20.82
N VAL A 313 -3.19 -10.16 -20.62
CA VAL A 313 -4.33 -9.25 -20.50
C VAL A 313 -4.90 -9.26 -19.08
N LEU A 314 -5.81 -8.32 -18.82
CA LEU A 314 -6.66 -8.38 -17.63
C LEU A 314 -7.69 -9.50 -17.78
N ASN A 315 -7.91 -10.25 -16.71
CA ASN A 315 -8.81 -11.38 -16.85
C ASN A 315 -10.26 -10.96 -16.63
N ARG A 316 -11.17 -11.76 -17.16
CA ARG A 316 -12.58 -11.43 -17.17
C ARG A 316 -13.25 -11.93 -15.89
N ASP A 317 -14.52 -11.60 -15.72
CA ASP A 317 -15.27 -12.10 -14.57
C ASP A 317 -15.54 -13.57 -14.72
N ARG A 318 -15.97 -14.19 -13.62
CA ARG A 318 -16.14 -15.63 -13.53
C ARG A 318 -17.62 -15.94 -13.34
N ASN A 319 -18.07 -17.01 -13.98
CA ASN A 319 -19.47 -17.41 -13.96
C ASN A 319 -19.65 -18.73 -13.21
N TYR A 320 -20.81 -18.87 -12.58
CA TYR A 320 -21.08 -20.02 -11.73
C TYR A 320 -22.54 -20.42 -11.87
N THR A 321 -22.80 -21.68 -11.53
CA THR A 321 -24.14 -22.18 -11.25
C THR A 321 -24.38 -22.02 -9.75
N ALA A 322 -25.54 -21.48 -9.38
CA ALA A 322 -25.83 -21.24 -7.97
C ALA A 322 -26.34 -22.52 -7.30
N GLY A 326 -29.74 -21.46 -11.27
CA GLY A 326 -29.35 -20.74 -12.47
C GLY A 326 -27.90 -20.32 -12.45
N GLN A 327 -27.57 -19.31 -13.25
CA GLN A 327 -26.19 -18.84 -13.39
C GLN A 327 -26.00 -17.54 -12.63
N PHE A 328 -24.85 -17.41 -11.96
CA PHE A 328 -24.45 -16.10 -11.46
C PHE A 328 -23.00 -15.83 -11.80
N THR A 329 -22.45 -14.74 -11.30
CA THR A 329 -21.14 -14.27 -11.74
C THR A 329 -20.55 -13.38 -10.65
N LEU A 330 -19.23 -13.43 -10.52
CA LEU A 330 -18.49 -12.70 -9.51
C LEU A 330 -17.42 -11.82 -10.15
N PRO A 331 -17.00 -10.76 -9.46
CA PRO A 331 -15.85 -9.97 -9.91
C PRO A 331 -14.63 -10.86 -10.16
N GLY A 332 -13.76 -10.43 -11.06
CA GLY A 332 -12.63 -11.23 -11.46
C GLY A 332 -11.34 -10.46 -11.39
N ARG A 333 -11.44 -9.16 -11.25
CA ARG A 333 -10.28 -8.31 -11.05
C ARG A 333 -10.41 -7.61 -9.71
N SER A 334 -9.27 -7.27 -9.12
CA SER A 334 -9.29 -6.56 -7.85
C SER A 334 -9.72 -5.12 -8.07
N LEU A 335 -10.71 -4.66 -7.30
CA LEU A 335 -11.07 -3.25 -7.30
C LEU A 335 -9.85 -2.38 -7.03
N MET A 336 -9.68 -1.34 -7.82
CA MET A 336 -8.45 -0.57 -7.81
C MET A 336 -8.68 0.76 -7.11
N PHE A 337 -7.71 1.15 -6.30
CA PHE A 337 -7.52 2.52 -5.88
C PHE A 337 -6.32 3.06 -6.63
N VAL A 338 -6.14 4.37 -6.54
CA VAL A 338 -4.86 4.99 -6.87
C VAL A 338 -4.38 5.80 -5.69
N ARG A 339 -3.08 5.86 -5.55
CA ARG A 339 -2.50 6.73 -4.54
C ARG A 339 -1.81 7.89 -5.26
N ASN A 340 -2.38 9.09 -5.14
CA ASN A 340 -1.68 10.28 -5.57
C ASN A 340 -0.44 10.49 -4.70
N VAL A 341 0.34 11.51 -5.06
CA VAL A 341 1.32 12.05 -4.13
C VAL A 341 0.59 12.99 -3.16
N GLY A 342 1.28 13.34 -2.07
CA GLY A 342 0.72 14.27 -1.10
C GLY A 342 0.85 15.71 -1.55
N HIS A 343 0.89 16.64 -0.59
CA HIS A 343 0.86 18.07 -0.82
C HIS A 343 2.24 18.68 -0.98
N LEU A 344 3.31 17.93 -0.80
CA LEU A 344 4.62 18.59 -0.76
C LEU A 344 5.19 18.87 -2.15
N MET A 345 5.32 17.85 -2.98
CA MET A 345 6.23 17.98 -4.11
C MET A 345 5.60 18.79 -5.23
N THR A 346 6.46 19.50 -5.97
CA THR A 346 6.11 20.06 -7.26
C THR A 346 6.77 19.22 -8.35
N ASN A 347 6.27 19.39 -9.58
CA ASN A 347 6.82 18.70 -10.74
C ASN A 347 6.77 19.64 -11.96
N ASP A 348 7.89 19.76 -12.68
CA ASP A 348 7.98 20.68 -13.80
C ASP A 348 7.29 20.18 -15.06
N ALA A 349 6.51 19.09 -15.00
CA ALA A 349 5.64 18.75 -16.13
C ALA A 349 4.78 19.94 -16.53
N ILE A 350 4.50 20.82 -15.56
CA ILE A 350 3.81 22.09 -15.77
C ILE A 350 4.56 23.14 -14.98
N VAL A 351 4.83 24.29 -15.62
CA VAL A 351 5.42 25.45 -14.97
C VAL A 351 4.53 26.66 -15.25
N ASP A 352 4.68 27.68 -14.43
CA ASP A 352 3.90 28.90 -14.65
C ASP A 352 4.74 29.89 -15.47
N THR A 353 4.25 31.12 -15.62
CA THR A 353 4.87 32.02 -16.60
C THR A 353 6.31 32.37 -16.19
N ASP A 354 6.54 32.67 -14.92
CA ASP A 354 7.90 32.94 -14.46
C ASP A 354 8.65 31.67 -14.06
N GLY A 355 8.08 30.49 -14.29
CA GLY A 355 8.82 29.25 -14.24
C GLY A 355 8.61 28.36 -13.02
N SER A 356 7.85 28.80 -12.00
CA SER A 356 7.63 27.98 -10.83
C SER A 356 6.98 26.65 -11.19
N GLU A 357 7.57 25.55 -10.72
CA GLU A 357 6.98 24.22 -10.92
C GLU A 357 5.64 24.14 -10.20
N VAL A 358 4.67 23.45 -10.82
CA VAL A 358 3.30 23.30 -10.33
C VAL A 358 3.21 22.12 -9.37
N PHE A 359 2.33 22.25 -8.36
CA PHE A 359 2.23 21.26 -7.28
C PHE A 359 1.72 19.91 -7.79
N GLU A 360 2.54 18.86 -7.60
CA GLU A 360 2.25 17.55 -8.19
C GLU A 360 1.00 16.90 -7.61
N GLY A 361 0.63 17.24 -6.37
CA GLY A 361 -0.62 16.73 -5.82
C GLY A 361 -1.84 17.18 -6.60
N ILE A 362 -1.86 18.46 -7.01
CA ILE A 362 -3.02 18.94 -7.75
C ILE A 362 -3.06 18.29 -9.12
N MET A 363 -1.90 18.08 -9.73
CA MET A 363 -1.87 17.45 -11.04
C MET A 363 -2.39 16.03 -10.96
N ASP A 364 -1.93 15.26 -9.97
CA ASP A 364 -2.40 13.88 -9.87
C ASP A 364 -3.93 13.84 -9.73
N ALA A 365 -4.52 14.72 -8.92
CA ALA A 365 -5.98 14.67 -8.75
C ALA A 365 -6.71 14.92 -10.07
N LEU A 366 -6.31 15.96 -10.82
CA LEU A 366 -6.98 16.26 -12.09
C LEU A 366 -6.78 15.14 -13.11
N PHE A 367 -5.54 14.72 -13.33
CA PHE A 367 -5.23 13.72 -14.35
C PHE A 367 -5.70 12.31 -13.93
N THR A 368 -5.37 11.84 -12.71
CA THR A 368 -5.83 10.49 -12.38
C THR A 368 -7.35 10.47 -12.26
N GLY A 369 -7.95 11.58 -11.83
CA GLY A 369 -9.41 11.66 -11.80
C GLY A 369 -10.02 11.54 -13.18
N LEU A 370 -9.59 12.38 -14.12
CA LEU A 370 -10.14 12.34 -15.48
C LEU A 370 -10.04 10.95 -16.06
N ILE A 371 -8.87 10.32 -15.91
CA ILE A 371 -8.66 8.97 -16.42
C ILE A 371 -9.70 8.00 -15.85
N ALA A 372 -10.09 8.15 -14.57
CA ALA A 372 -10.91 7.14 -13.93
C ALA A 372 -12.35 7.13 -14.42
N ILE A 373 -12.78 8.17 -15.14
CA ILE A 373 -14.08 8.12 -15.81
C ILE A 373 -14.16 6.93 -16.75
N HIS A 374 -13.03 6.55 -17.37
CA HIS A 374 -13.08 5.36 -18.21
C HIS A 374 -13.37 4.10 -17.40
N GLY A 375 -12.88 4.04 -16.17
CA GLY A 375 -13.15 2.89 -15.34
C GLY A 375 -14.54 2.94 -14.76
N LEU A 376 -15.41 3.75 -15.36
CA LEU A 376 -16.81 3.76 -14.97
C LEU A 376 -17.76 3.33 -16.06
N LYS A 377 -17.26 3.07 -17.27
CA LYS A 377 -18.12 2.81 -18.43
C LYS A 377 -17.50 1.69 -19.26
N ALA A 378 -18.29 1.18 -20.21
CA ALA A 378 -17.85 0.06 -21.04
C ALA A 378 -18.33 0.32 -22.47
N SER A 379 -17.42 0.71 -23.35
CA SER A 379 -17.77 0.93 -24.75
C SER A 379 -16.58 0.69 -25.67
N GLY A 383 -13.17 1.40 -22.99
CA GLY A 383 -12.77 0.01 -22.88
C GLY A 383 -13.88 -0.87 -22.35
N PRO A 384 -13.69 -2.20 -22.39
CA PRO A 384 -14.78 -3.09 -21.98
C PRO A 384 -14.95 -3.29 -20.48
N LEU A 385 -13.91 -3.11 -19.64
CA LEU A 385 -13.96 -3.58 -18.26
C LEU A 385 -14.24 -2.45 -17.28
N ILE A 386 -15.21 -2.67 -16.42
CA ILE A 386 -15.60 -1.68 -15.41
C ILE A 386 -14.76 -1.86 -14.15
N ASN A 387 -14.56 -0.76 -13.42
CA ASN A 387 -13.85 -0.84 -12.16
C ASN A 387 -14.83 -0.79 -10.99
N SER A 388 -15.39 0.39 -10.69
CA SER A 388 -16.37 0.48 -9.62
C SER A 388 -17.76 0.24 -10.18
N ARG A 389 -18.50 -0.66 -9.54
CA ARG A 389 -19.87 -0.92 -9.97
C ARG A 389 -20.87 0.01 -9.30
N THR A 390 -20.46 0.73 -8.26
CA THR A 390 -21.33 1.71 -7.60
C THR A 390 -21.08 3.13 -8.08
N GLY A 391 -20.13 3.33 -8.99
CA GLY A 391 -19.87 4.64 -9.56
C GLY A 391 -19.01 5.54 -8.70
N SER A 392 -17.91 5.02 -8.15
CA SER A 392 -16.99 5.81 -7.32
C SER A 392 -15.57 5.69 -7.85
N ILE A 393 -14.76 6.68 -7.48
CA ILE A 393 -13.36 6.76 -7.86
C ILE A 393 -12.56 6.85 -6.56
N TYR A 394 -11.57 5.98 -6.40
CA TYR A 394 -10.96 5.75 -5.09
C TYR A 394 -9.51 6.22 -5.10
N ILE A 395 -9.24 7.29 -4.37
CA ILE A 395 -7.90 7.87 -4.32
C ILE A 395 -7.35 7.82 -2.90
N VAL A 396 -6.15 7.27 -2.75
CA VAL A 396 -5.46 7.31 -1.47
C VAL A 396 -4.66 8.60 -1.40
N LYS A 397 -4.79 9.31 -0.28
CA LYS A 397 -4.02 10.54 -0.09
C LYS A 397 -3.01 10.31 1.02
N PRO A 398 -1.75 10.05 0.68
CA PRO A 398 -0.72 9.84 1.68
C PRO A 398 -0.22 11.14 2.29
N LYS A 399 0.43 11.00 3.46
CA LYS A 399 1.28 12.02 4.08
C LYS A 399 0.56 13.33 4.40
N MET A 400 -0.72 13.28 4.76
CA MET A 400 -1.41 14.44 5.30
C MET A 400 -0.97 14.72 6.75
N HIS A 401 -0.94 16.00 7.10
CA HIS A 401 -0.49 16.48 8.41
C HIS A 401 -1.63 17.27 9.05
N GLY A 402 -2.66 16.57 9.52
CA GLY A 402 -3.69 17.17 10.33
C GLY A 402 -5.02 17.24 9.62
N PRO A 403 -6.04 17.79 10.29
CA PRO A 403 -7.36 17.90 9.65
C PRO A 403 -7.43 18.98 8.60
N ALA A 404 -6.77 20.12 8.83
CA ALA A 404 -6.82 21.17 7.82
C ALA A 404 -6.19 20.72 6.51
N GLU A 405 -5.19 19.83 6.58
CA GLU A 405 -4.67 19.30 5.33
C GLU A 405 -5.69 18.36 4.69
N VAL A 406 -6.52 17.69 5.50
CA VAL A 406 -7.61 16.89 4.95
C VAL A 406 -8.69 17.77 4.32
N ALA A 407 -9.08 18.86 5.01
CA ALA A 407 -10.07 19.76 4.44
C ALA A 407 -9.66 20.19 3.04
N PHE A 408 -8.38 20.53 2.87
CA PHE A 408 -7.88 21.06 1.60
C PHE A 408 -7.98 20.01 0.50
N THR A 409 -7.54 18.78 0.79
CA THR A 409 -7.69 17.68 -0.16
C THR A 409 -9.14 17.51 -0.57
N CYS A 410 -10.07 17.63 0.38
CA CYS A 410 -11.50 17.58 0.06
C CYS A 410 -11.88 18.66 -0.94
N GLU A 411 -11.59 19.92 -0.58
CA GLU A 411 -11.92 21.00 -1.46
C GLU A 411 -11.24 20.84 -2.81
N LEU A 412 -9.99 20.36 -2.82
CA LEU A 412 -9.34 20.07 -4.08
C LEU A 412 -10.14 19.06 -4.89
N PHE A 413 -10.57 17.95 -4.28
CA PHE A 413 -11.32 16.98 -5.06
C PHE A 413 -12.63 17.58 -5.56
N SER A 414 -13.31 18.35 -4.71
CA SER A 414 -14.58 18.96 -5.10
C SER A 414 -14.43 19.81 -6.35
N ARG A 415 -13.30 20.52 -6.48
CA ARG A 415 -13.07 21.35 -7.64
C ARG A 415 -12.76 20.52 -8.89
N VAL A 416 -11.95 19.47 -8.74
CA VAL A 416 -11.68 18.57 -9.86
C VAL A 416 -12.98 17.96 -10.41
N GLU A 417 -13.91 17.60 -9.51
CA GLU A 417 -15.21 17.08 -9.94
C GLU A 417 -15.92 18.07 -10.88
N ASP A 418 -15.79 19.37 -10.63
CA ASP A 418 -16.52 20.31 -11.47
C ASP A 418 -15.91 20.36 -12.87
N VAL A 419 -14.60 20.61 -12.95
CA VAL A 419 -13.83 20.49 -14.17
C VAL A 419 -14.24 19.25 -14.95
N LEU A 420 -14.42 18.10 -14.28
CA LEU A 420 -14.62 16.83 -14.97
C LEU A 420 -16.09 16.48 -15.17
N GLY A 421 -17.01 17.26 -14.62
CA GLY A 421 -18.42 17.08 -14.89
C GLY A 421 -19.09 15.94 -14.18
N LEU A 422 -18.44 15.32 -13.18
CA LEU A 422 -19.10 14.22 -12.50
C LEU A 422 -19.77 14.71 -11.22
N PRO A 423 -20.75 13.97 -10.70
CA PRO A 423 -21.48 14.43 -9.49
C PRO A 423 -20.53 14.69 -8.33
N GLN A 424 -20.99 15.54 -7.41
CA GLN A 424 -20.20 15.86 -6.21
C GLN A 424 -20.02 14.63 -5.32
N ASN A 425 -18.81 14.45 -4.81
CA ASN A 425 -18.39 13.36 -3.92
C ASN A 425 -18.11 12.06 -4.65
N THR A 426 -17.95 12.06 -5.98
CA THR A 426 -17.55 10.83 -6.65
C THR A 426 -16.13 10.43 -6.25
N MET A 427 -15.25 11.40 -6.04
CA MET A 427 -13.89 11.09 -5.64
C MET A 427 -13.83 10.85 -4.11
N LYS A 428 -13.44 9.64 -3.71
CA LYS A 428 -13.35 9.25 -2.31
C LYS A 428 -11.90 9.24 -1.85
N ILE A 429 -11.69 9.40 -0.53
CA ILE A 429 -10.36 9.54 0.08
C ILE A 429 -9.95 8.27 0.81
N GLY A 430 -8.68 7.91 0.70
CA GLY A 430 -8.07 6.91 1.56
C GLY A 430 -7.07 7.49 2.55
N ILE A 431 -7.55 7.99 3.68
CA ILE A 431 -6.73 8.78 4.59
C ILE A 431 -5.60 7.92 5.15
N MET A 432 -4.36 8.39 5.02
CA MET A 432 -3.18 7.64 5.50
C MET A 432 -2.74 8.21 6.85
N ASP A 433 -3.03 7.47 7.94
CA ASP A 433 -2.52 7.79 9.28
C ASP A 433 -1.03 7.45 9.30
N GLU A 434 -0.23 8.35 8.72
CA GLU A 434 1.21 8.17 8.66
C GLU A 434 1.97 9.44 9.01
N GLU A 435 1.31 10.44 9.60
CA GLU A 435 2.03 11.57 10.15
C GLU A 435 1.55 11.84 11.58
N ARG A 436 2.45 12.30 12.43
CA ARG A 436 2.11 12.44 13.84
C ARG A 436 0.93 13.38 14.05
N ARG A 437 0.86 14.48 13.29
CA ARG A 437 -0.16 15.50 13.54
C ARG A 437 -1.56 15.06 13.11
N THR A 438 -1.66 14.11 12.17
CA THR A 438 -2.96 13.47 11.96
C THR A 438 -3.24 12.37 13.00
N THR A 439 -2.21 11.69 13.54
CA THR A 439 -2.48 10.60 14.50
C THR A 439 -3.21 11.10 15.75
N VAL A 440 -2.72 12.21 16.34
CA VAL A 440 -3.32 12.79 17.55
C VAL A 440 -4.53 13.65 17.27
N ASN A 441 -4.81 13.95 15.99
CA ASN A 441 -6.01 14.68 15.60
C ASN A 441 -6.88 13.84 14.67
N LEU A 442 -6.68 12.52 14.75
CA LEU A 442 -7.30 11.58 13.81
C LEU A 442 -8.79 11.79 13.73
N LYS A 443 -9.46 11.94 14.87
CA LYS A 443 -10.91 12.13 14.82
C LYS A 443 -11.25 13.42 14.08
N ALA A 444 -10.43 14.46 14.24
CA ALA A 444 -10.65 15.68 13.49
C ALA A 444 -10.44 15.43 12.00
N CYS A 445 -9.45 14.59 11.66
CA CYS A 445 -9.17 14.29 10.26
C CYS A 445 -10.33 13.56 9.60
N ILE A 446 -10.88 12.54 10.25
CA ILE A 446 -11.90 11.77 9.58
C ILE A 446 -13.18 12.59 9.46
N LYS A 447 -13.47 13.40 10.48
CA LYS A 447 -14.57 14.34 10.37
C LYS A 447 -14.41 15.25 9.16
N ALA A 448 -13.17 15.64 8.88
CA ALA A 448 -12.92 16.54 7.74
C ALA A 448 -13.35 15.88 6.43
N ALA A 449 -13.01 14.62 6.22
CA ALA A 449 -13.38 13.90 5.03
C ALA A 449 -14.67 13.10 5.19
N ALA A 450 -15.53 13.49 6.14
CA ALA A 450 -16.50 12.54 6.69
C ALA A 450 -17.46 11.98 5.63
N ASP A 451 -17.65 12.69 4.52
CA ASP A 451 -18.57 12.22 3.49
C ASP A 451 -17.84 11.67 2.27
N ARG A 452 -16.53 11.45 2.36
CA ARG A 452 -15.77 10.85 1.27
C ARG A 452 -14.83 9.72 1.70
N VAL A 453 -14.48 9.62 2.99
CA VAL A 453 -13.46 8.68 3.41
C VAL A 453 -13.91 7.24 3.14
N VAL A 454 -13.00 6.45 2.58
CA VAL A 454 -13.26 5.03 2.35
C VAL A 454 -12.30 4.13 3.12
N PHE A 455 -11.20 4.65 3.65
CA PHE A 455 -10.47 3.92 4.68
C PHE A 455 -9.60 4.89 5.47
N ILE A 456 -9.07 4.37 6.58
CA ILE A 456 -7.91 4.91 7.27
C ILE A 456 -6.93 3.75 7.39
N ASN A 457 -5.66 4.06 7.47
CA ASN A 457 -4.66 3.01 7.46
C ASN A 457 -3.39 3.49 8.13
N THR A 458 -2.89 2.72 9.09
CA THR A 458 -1.66 3.02 9.82
C THR A 458 -0.48 2.77 8.89
N GLY A 459 0.02 3.85 8.27
CA GLY A 459 1.30 3.81 7.57
C GLY A 459 2.49 3.87 8.51
N PHE A 460 2.82 2.74 9.14
CA PHE A 460 3.69 2.72 10.32
C PHE A 460 5.14 3.02 9.99
N LEU A 461 5.55 2.81 8.73
CA LEU A 461 6.90 3.18 8.31
C LEU A 461 7.03 4.69 8.13
N ASP A 462 6.21 5.28 7.24
CA ASP A 462 6.09 6.74 7.18
C ASP A 462 5.86 7.32 8.56
N ARG A 463 5.01 6.64 9.36
CA ARG A 463 4.70 7.15 10.69
C ARG A 463 5.93 7.16 11.58
N THR A 464 6.85 6.21 11.41
CA THR A 464 8.06 6.17 12.23
C THR A 464 9.05 7.26 11.84
N GLY A 465 9.18 7.51 10.53
CA GLY A 465 10.03 8.60 10.08
C GLY A 465 9.61 9.96 10.60
N ASP A 466 8.29 10.20 10.75
CA ASP A 466 7.81 11.46 11.32
C ASP A 466 8.13 11.53 12.81
N GLU A 467 7.96 10.41 13.52
CA GLU A 467 8.22 10.37 14.95
C GLU A 467 9.67 10.71 15.24
N ILE A 468 10.60 10.20 14.43
CA ILE A 468 12.01 10.56 14.59
C ILE A 468 12.23 12.02 14.24
N HIS A 469 11.78 12.44 13.05
CA HIS A 469 12.08 13.81 12.63
C HIS A 469 11.38 14.84 13.49
N THR A 470 10.22 14.48 14.08
CA THR A 470 9.50 15.41 14.95
C THR A 470 10.22 15.61 16.26
N SER A 471 10.98 14.62 16.69
CA SER A 471 11.63 14.63 18.00
C SER A 471 13.13 14.61 17.84
N MET A 472 13.59 15.09 16.68
CA MET A 472 14.99 15.03 16.31
C MET A 472 15.87 15.74 17.34
N GLU A 473 15.43 16.90 17.80
CA GLU A 473 16.18 17.61 18.82
C GLU A 473 15.86 17.11 20.23
N ALA A 474 15.04 16.08 20.40
CA ALA A 474 14.78 15.60 21.76
C ALA A 474 15.96 14.81 22.31
N GLY A 475 16.62 14.00 21.49
CA GLY A 475 17.74 13.21 21.95
C GLY A 475 18.06 12.06 21.02
N PRO A 476 19.03 11.22 21.40
CA PRO A 476 19.27 9.99 20.64
C PRO A 476 18.02 9.13 20.61
N MET A 477 17.77 8.50 19.46
CA MET A 477 16.58 7.66 19.28
C MET A 477 16.90 6.20 19.54
N VAL A 478 15.86 5.43 19.88
CA VAL A 478 16.13 4.01 20.04
C VAL A 478 16.33 3.40 18.66
N ARG A 479 16.95 2.22 18.65
CA ARG A 479 17.33 1.56 17.42
C ARG A 479 16.12 1.28 16.54
N LYS A 480 16.39 0.96 15.28
CA LYS A 480 15.34 0.77 14.29
C LYS A 480 14.47 -0.45 14.63
N GLY A 481 15.10 -1.61 14.85
CA GLY A 481 14.37 -2.79 15.29
C GLY A 481 13.48 -2.55 16.51
N THR A 482 13.92 -1.69 17.42
CA THR A 482 13.21 -1.49 18.69
C THR A 482 11.92 -0.70 18.53
N MET A 483 11.78 0.06 17.45
CA MET A 483 10.57 0.83 17.17
C MET A 483 9.34 -0.07 17.09
N LYS A 484 9.52 -1.31 16.65
CA LYS A 484 8.41 -2.25 16.53
C LYS A 484 7.68 -2.48 17.84
N SER A 485 8.34 -2.22 18.97
CA SER A 485 7.75 -2.48 20.27
C SER A 485 7.61 -1.23 21.14
N GLN A 486 7.92 -0.05 20.61
CA GLN A 486 7.88 1.18 21.40
C GLN A 486 6.46 1.49 21.83
N PRO A 487 6.29 2.09 23.00
CA PRO A 487 4.93 2.44 23.47
C PRO A 487 4.16 3.35 22.52
N TRP A 488 4.79 4.40 21.96
CA TRP A 488 4.09 5.25 21.01
C TRP A 488 3.46 4.40 19.89
N ILE A 489 4.21 3.45 19.35
CA ILE A 489 3.71 2.76 18.17
C ILE A 489 2.50 1.91 18.53
N LEU A 490 2.52 1.30 19.69
CA LEU A 490 1.44 0.38 20.04
C LEU A 490 0.14 1.14 20.27
N ALA A 491 0.22 2.26 20.98
CA ALA A 491 -0.94 3.11 21.14
C ALA A 491 -1.46 3.55 19.77
N TYR A 492 -0.54 4.00 18.91
CA TYR A 492 -0.89 4.49 17.58
C TYR A 492 -1.70 3.47 16.79
N GLU A 493 -1.33 2.18 16.86
CA GLU A 493 -2.05 1.15 16.13
C GLU A 493 -3.46 0.93 16.72
N ASP A 494 -3.60 0.91 18.04
CA ASP A 494 -4.93 0.70 18.63
C ASP A 494 -5.77 1.97 18.58
N HIS A 495 -5.13 3.14 18.71
CA HIS A 495 -5.86 4.41 18.63
C HIS A 495 -6.56 4.58 17.29
N ASN A 496 -5.96 4.04 16.21
CA ASN A 496 -6.57 4.15 14.88
C ASN A 496 -7.83 3.29 14.79
N VAL A 497 -7.72 2.01 15.16
CA VAL A 497 -8.90 1.14 15.16
C VAL A 497 -10.00 1.73 16.03
N ASP A 498 -9.66 2.23 17.22
CA ASP A 498 -10.63 2.93 18.05
C ASP A 498 -11.36 4.01 17.25
N ALA A 499 -10.60 4.93 16.65
CA ALA A 499 -11.19 6.06 15.96
C ALA A 499 -12.10 5.60 14.83
N GLY A 500 -11.64 4.63 14.03
CA GLY A 500 -12.45 4.14 12.93
C GLY A 500 -13.82 3.63 13.38
N LEU A 501 -13.83 2.72 14.36
CA LEU A 501 -15.10 2.14 14.78
C LEU A 501 -16.00 3.19 15.42
N ALA A 502 -15.40 4.12 16.17
CA ALA A 502 -16.17 5.20 16.76
C ALA A 502 -16.76 6.14 15.73
N ALA A 503 -16.32 6.08 14.48
CA ALA A 503 -16.86 6.91 13.41
C ALA A 503 -17.82 6.14 12.50
N GLY A 504 -18.02 4.85 12.74
CA GLY A 504 -18.96 4.06 11.98
C GLY A 504 -18.35 3.18 10.91
N PHE A 505 -17.04 2.95 10.95
CA PHE A 505 -16.36 2.32 9.82
C PHE A 505 -16.90 0.92 9.53
N SER A 506 -17.38 0.20 10.56
CA SER A 506 -17.89 -1.16 10.36
C SER A 506 -19.06 -1.16 9.38
N GLY A 507 -18.93 -1.93 8.31
CA GLY A 507 -19.92 -1.90 7.24
C GLY A 507 -19.96 -0.62 6.45
N ARG A 508 -18.91 0.19 6.47
CA ARG A 508 -18.91 1.46 5.75
C ARG A 508 -17.57 1.73 5.10
N ALA A 509 -16.47 1.50 5.83
CA ALA A 509 -15.15 1.92 5.41
C ALA A 509 -14.11 1.01 6.04
N GLN A 510 -13.00 0.81 5.33
CA GLN A 510 -11.97 -0.09 5.81
C GLN A 510 -11.18 0.50 6.97
N VAL A 511 -10.94 -0.32 7.98
CA VAL A 511 -9.90 -0.11 8.97
C VAL A 511 -8.71 -0.95 8.52
N GLY A 512 -7.61 -0.30 8.17
CA GLY A 512 -6.51 -0.95 7.47
C GLY A 512 -5.20 -0.79 8.20
N LYS A 513 -4.32 -1.78 8.04
CA LYS A 513 -3.03 -1.74 8.70
C LYS A 513 -1.95 -2.06 7.69
N GLY A 514 -0.72 -2.02 8.17
CA GLY A 514 0.44 -1.77 7.34
C GLY A 514 1.03 -3.01 6.71
N MET A 515 2.22 -2.81 6.16
CA MET A 515 2.79 -3.71 5.17
C MET A 515 3.82 -4.68 5.76
N TRP A 516 3.78 -5.91 5.27
CA TRP A 516 4.82 -6.91 5.47
C TRP A 516 5.90 -6.76 4.40
N THR A 517 7.11 -6.35 4.81
CA THR A 517 8.20 -6.06 3.86
C THR A 517 9.03 -7.28 3.45
N MET A 518 8.96 -8.37 4.20
CA MET A 518 9.85 -9.51 4.00
C MET A 518 9.21 -10.52 3.06
N THR A 519 9.53 -10.40 1.77
CA THR A 519 8.86 -11.15 0.73
C THR A 519 9.26 -12.61 0.70
N GLU A 520 10.41 -12.97 1.26
CA GLU A 520 10.78 -14.39 1.36
C GLU A 520 10.34 -15.09 2.66
N LEU A 521 9.87 -14.37 3.66
CA LEU A 521 9.44 -15.02 4.89
C LEU A 521 7.92 -15.06 4.96
N MET A 522 7.36 -15.98 4.17
CA MET A 522 5.94 -16.30 4.24
C MET A 522 5.62 -17.22 5.42
N ALA A 523 6.58 -18.06 5.86
CA ALA A 523 6.35 -18.82 7.08
C ALA A 523 6.08 -17.88 8.25
N ASP A 524 6.97 -16.89 8.47
CA ASP A 524 6.73 -15.91 9.52
C ASP A 524 5.49 -15.08 9.25
N MET A 525 5.25 -14.70 7.98
CA MET A 525 4.07 -13.91 7.68
C MET A 525 2.80 -14.67 8.06
N VAL A 526 2.68 -15.91 7.60
CA VAL A 526 1.51 -16.72 7.96
C VAL A 526 1.42 -16.84 9.48
N GLU A 527 2.57 -16.96 10.15
CA GLU A 527 2.58 -17.12 11.61
C GLU A 527 2.12 -15.87 12.33
N THR A 528 2.70 -14.71 12.00
CA THR A 528 2.54 -13.54 12.85
C THR A 528 1.57 -12.49 12.31
N LYS A 529 1.37 -12.41 10.98
CA LYS A 529 0.47 -11.36 10.47
C LYS A 529 -0.99 -11.55 10.86
N ILE A 530 -1.39 -12.72 11.39
CA ILE A 530 -2.73 -12.91 11.96
C ILE A 530 -3.06 -11.84 13.00
N ALA A 531 -2.06 -11.27 13.67
CA ALA A 531 -2.32 -10.25 14.68
C ALA A 531 -3.15 -9.08 14.13
N GLN A 532 -2.91 -8.68 12.88
CA GLN A 532 -3.60 -7.50 12.36
C GLN A 532 -5.12 -7.65 12.28
N PRO A 533 -5.67 -8.66 11.64
CA PRO A 533 -7.14 -8.83 11.72
C PRO A 533 -7.64 -9.09 13.13
N ARG A 534 -6.83 -9.75 13.99
CA ARG A 534 -7.22 -9.91 15.39
C ARG A 534 -7.28 -8.60 16.15
N ALA A 535 -6.62 -7.55 15.64
CA ALA A 535 -6.78 -6.22 16.19
C ALA A 535 -8.00 -5.50 15.65
N GLY A 536 -8.79 -6.13 14.79
CA GLY A 536 -9.90 -5.43 14.15
C GLY A 536 -9.63 -4.81 12.79
N ALA A 537 -8.51 -5.10 12.16
CA ALA A 537 -8.23 -4.58 10.84
C ALA A 537 -9.18 -5.22 9.83
N SER A 538 -9.87 -4.39 9.04
CA SER A 538 -10.63 -4.89 7.90
C SER A 538 -9.71 -5.40 6.81
N THR A 539 -8.49 -4.88 6.77
CA THR A 539 -7.57 -5.18 5.67
C THR A 539 -6.16 -4.82 6.12
N ALA A 540 -5.19 -5.33 5.38
CA ALA A 540 -3.79 -5.04 5.64
C ALA A 540 -3.02 -5.17 4.33
N TRP A 541 -1.84 -4.59 4.28
CA TRP A 541 -1.13 -4.45 3.03
C TRP A 541 -0.17 -5.60 2.77
N VAL A 542 -0.06 -5.96 1.49
CA VAL A 542 0.63 -7.13 0.98
C VAL A 542 1.67 -6.71 -0.06
N PRO A 543 2.77 -7.45 -0.23
CA PRO A 543 3.71 -7.14 -1.32
C PRO A 543 3.43 -7.82 -2.66
N SER A 544 2.67 -8.91 -2.67
CA SER A 544 2.66 -9.74 -3.86
C SER A 544 1.29 -10.38 -4.02
N PRO A 545 0.96 -10.85 -5.22
CA PRO A 545 -0.22 -11.68 -5.37
C PRO A 545 -0.14 -12.94 -4.53
N THR A 546 1.05 -13.50 -4.35
CA THR A 546 1.25 -14.68 -3.53
C THR A 546 1.03 -14.38 -2.04
N ALA A 547 1.73 -13.37 -1.52
CA ALA A 547 1.54 -13.02 -0.12
C ALA A 547 0.09 -12.65 0.16
N ALA A 548 -0.64 -12.16 -0.86
CA ALA A 548 -2.05 -11.83 -0.66
C ALA A 548 -2.87 -13.09 -0.37
N THR A 549 -2.61 -14.17 -1.10
CA THR A 549 -3.34 -15.42 -0.90
C THR A 549 -3.11 -15.94 0.50
N LEU A 550 -1.86 -15.93 0.96
CA LEU A 550 -1.53 -16.45 2.29
C LEU A 550 -2.14 -15.60 3.40
N HIS A 551 -2.10 -14.28 3.24
CA HIS A 551 -2.71 -13.39 4.22
C HIS A 551 -4.21 -13.60 4.25
N ALA A 552 -4.79 -14.01 3.12
CA ALA A 552 -6.22 -14.37 3.13
C ALA A 552 -6.50 -15.55 4.09
N LEU A 553 -5.57 -16.50 4.25
CA LEU A 553 -5.83 -17.56 5.25
C LEU A 553 -6.17 -16.97 6.61
N HIS A 554 -5.62 -15.80 6.93
CA HIS A 554 -5.81 -15.20 8.24
C HIS A 554 -7.24 -14.73 8.45
N TYR A 555 -7.93 -14.35 7.38
CA TYR A 555 -9.30 -13.85 7.48
C TYR A 555 -10.34 -14.96 7.42
N HIS A 556 -9.93 -16.19 7.12
CA HIS A 556 -10.81 -17.34 7.34
C HIS A 556 -10.70 -17.84 8.78
N GLN A 557 -9.55 -17.62 9.40
CA GLN A 557 -9.36 -17.90 10.82
C GLN A 557 -10.13 -16.91 11.68
N VAL A 558 -9.77 -15.64 11.59
CA VAL A 558 -10.35 -14.60 12.41
C VAL A 558 -11.62 -14.08 11.72
N ASP A 559 -12.63 -13.80 12.53
CA ASP A 559 -13.89 -13.23 12.07
C ASP A 559 -13.78 -11.73 12.31
N VAL A 560 -13.35 -10.98 11.30
CA VAL A 560 -13.07 -9.56 11.50
C VAL A 560 -14.32 -8.83 11.97
N ALA A 561 -15.48 -9.16 11.42
CA ALA A 561 -16.69 -8.46 11.82
C ALA A 561 -17.02 -8.69 13.30
N ALA A 562 -16.79 -9.91 13.81
CA ALA A 562 -17.05 -10.17 15.22
C ALA A 562 -16.03 -9.48 16.11
N VAL A 563 -14.78 -9.38 15.64
CA VAL A 563 -13.74 -8.72 16.43
C VAL A 563 -14.04 -7.23 16.58
N GLN A 564 -14.61 -6.61 15.54
CA GLN A 564 -14.92 -5.18 15.58
C GLN A 564 -15.98 -4.85 16.62
N GLN A 565 -16.98 -5.72 16.79
CA GLN A 565 -18.03 -5.45 17.76
C GLN A 565 -17.57 -5.66 19.21
N GLY A 566 -16.55 -6.48 19.44
CA GLY A 566 -15.99 -6.59 20.78
C GLY A 566 -15.17 -5.40 21.25
N LEU A 567 -15.07 -4.35 20.44
CA LEU A 567 -14.16 -3.23 20.69
C LEU A 567 -14.82 -1.85 20.68
N ALA A 568 -16.10 -1.74 20.32
CA ALA A 568 -16.73 -0.43 20.12
C ALA A 568 -16.92 0.28 21.46
N GLY A 569 -16.33 1.48 21.58
CA GLY A 569 -16.33 2.22 22.82
C GLY A 569 -15.00 2.12 23.54
N LYS A 570 -14.43 0.92 23.57
CA LYS A 570 -13.23 0.59 24.34
C LYS A 570 -12.01 1.45 23.99
N ARG A 571 -11.84 2.59 24.67
CA ARG A 571 -10.71 3.47 24.35
C ARG A 571 -9.45 2.95 25.00
N ARG A 572 -8.75 2.05 24.31
CA ARG A 572 -7.53 1.44 24.78
C ARG A 572 -6.29 2.30 24.50
N ALA A 573 -6.40 3.63 24.51
CA ALA A 573 -5.25 4.48 24.26
C ALA A 573 -5.55 5.91 24.66
N THR A 574 -4.57 6.58 25.26
CA THR A 574 -4.72 7.97 25.64
C THR A 574 -3.72 8.82 24.87
N ILE A 575 -3.82 10.13 25.06
CA ILE A 575 -2.88 11.06 24.44
C ILE A 575 -1.45 10.76 24.87
N GLU A 576 -1.24 10.53 26.18
CA GLU A 576 0.12 10.47 26.71
C GLU A 576 0.88 9.28 26.16
N GLN A 577 0.20 8.20 25.81
CA GLN A 577 0.86 7.07 25.18
C GLN A 577 1.24 7.35 23.73
N LEU A 578 0.49 8.22 23.04
CA LEU A 578 0.85 8.59 21.67
C LEU A 578 2.02 9.56 21.62
N LEU A 579 2.25 10.33 22.68
CA LEU A 579 3.28 11.36 22.71
C LEU A 579 4.58 10.90 23.35
N THR A 580 4.63 9.65 23.82
CA THR A 580 5.84 9.08 24.40
C THR A 580 6.89 8.89 23.33
N ILE A 581 7.96 9.69 23.40
CA ILE A 581 9.00 9.75 22.37
C ILE A 581 10.00 8.62 22.56
N PRO A 582 10.31 7.85 21.50
CA PRO A 582 11.19 6.69 21.61
C PRO A 582 12.67 7.02 21.83
N LEU A 583 12.93 7.88 22.80
CA LEU A 583 14.30 8.19 23.17
C LEU A 583 14.97 6.98 23.80
N ALA A 584 16.27 6.88 23.63
CA ALA A 584 17.04 5.82 24.25
C ALA A 584 17.52 6.27 25.64
N LYS A 585 18.48 5.53 26.21
CA LYS A 585 19.06 5.81 27.52
C LYS A 585 20.57 5.59 27.53
N TRP A 589 24.19 1.20 24.47
CA TRP A 589 24.72 0.43 23.33
C TRP A 589 26.24 0.28 23.36
N ALA A 590 26.71 -0.84 22.91
CA ALA A 590 28.15 -1.02 22.88
C ALA A 590 28.69 -0.80 21.47
N PRO A 591 30.01 -0.71 21.32
CA PRO A 591 30.57 -0.46 19.97
C PRO A 591 30.58 -1.63 19.00
N ASP A 592 29.50 -2.38 19.01
CA ASP A 592 29.24 -3.51 18.13
C ASP A 592 27.81 -3.31 17.67
N GLU A 593 26.98 -2.87 18.63
CA GLU A 593 25.59 -2.59 18.35
C GLU A 593 25.42 -1.32 17.53
N ILE A 594 26.42 -0.43 17.60
CA ILE A 594 26.39 0.80 16.82
C ILE A 594 26.93 0.54 15.41
N ARG A 595 28.12 -0.04 15.32
CA ARG A 595 28.72 -0.32 14.02
C ARG A 595 27.84 -1.25 13.20
N GLU A 596 27.04 -2.08 13.86
CA GLU A 596 26.09 -2.94 13.15
C GLU A 596 24.86 -2.17 12.69
N GLU A 597 24.43 -1.18 13.48
CA GLU A 597 23.28 -0.39 13.05
C GLU A 597 23.64 0.47 11.85
N VAL A 598 24.73 1.23 11.95
CA VAL A 598 25.08 2.17 10.89
C VAL A 598 25.35 1.43 9.57
N ASP A 599 26.09 0.32 9.63
CA ASP A 599 26.31 -0.49 8.44
C ASP A 599 25.01 -1.03 7.87
N ASN A 600 24.16 -1.58 8.74
CA ASN A 600 22.86 -2.06 8.29
C ASN A 600 22.11 -0.97 7.57
N ASN A 601 22.06 0.22 8.18
CA ASN A 601 21.32 1.33 7.62
C ASN A 601 21.92 1.79 6.29
N CYS A 602 23.23 2.06 6.26
CA CYS A 602 23.84 2.52 5.02
C CYS A 602 23.76 1.49 3.90
N GLN A 603 23.41 0.24 4.20
CA GLN A 603 23.30 -0.76 3.15
C GLN A 603 21.92 -0.73 2.49
N SER A 604 20.86 -0.69 3.30
CA SER A 604 19.50 -0.59 2.75
C SER A 604 19.23 0.79 2.16
N ILE A 605 19.97 1.82 2.56
CA ILE A 605 19.86 3.12 1.92
C ILE A 605 20.53 3.09 0.56
N LEU A 606 21.80 2.68 0.53
CA LEU A 606 22.53 2.53 -0.72
C LEU A 606 21.77 1.68 -1.72
N GLY A 607 21.40 0.45 -1.32
CA GLY A 607 20.82 -0.51 -2.25
C GLY A 607 19.51 -0.06 -2.86
N TYR A 608 18.73 0.74 -2.14
CA TYR A 608 17.51 1.33 -2.68
C TYR A 608 17.81 2.52 -3.58
N VAL A 609 18.86 3.28 -3.26
CA VAL A 609 19.03 4.54 -3.95
C VAL A 609 19.71 4.34 -5.31
N VAL A 610 20.62 3.38 -5.44
CA VAL A 610 21.20 3.09 -6.76
C VAL A 610 20.10 2.83 -7.78
N ARG A 611 19.23 1.86 -7.47
CA ARG A 611 18.17 1.53 -8.42
C ARG A 611 17.21 2.69 -8.61
N TRP A 612 17.17 3.61 -7.63
CA TRP A 612 16.29 4.76 -7.67
C TRP A 612 16.85 5.88 -8.53
N VAL A 613 18.11 6.26 -8.30
CA VAL A 613 18.70 7.36 -9.04
C VAL A 613 19.12 6.93 -10.44
N ASP A 614 19.73 5.75 -10.56
CA ASP A 614 20.27 5.32 -11.85
C ASP A 614 19.20 4.80 -12.80
N GLN A 615 18.14 4.16 -12.31
CA GLN A 615 17.21 3.47 -13.19
C GLN A 615 15.75 3.87 -13.04
N GLY A 616 15.45 4.90 -12.25
CA GLY A 616 14.07 5.25 -12.00
C GLY A 616 13.22 4.14 -11.44
N VAL A 617 13.81 3.28 -10.59
CA VAL A 617 13.07 2.20 -9.92
C VAL A 617 12.80 2.63 -8.50
N GLY A 618 11.53 2.81 -8.18
CA GLY A 618 11.11 3.28 -6.86
C GLY A 618 10.88 2.24 -5.79
N ALA A 619 11.03 0.94 -6.08
CA ALA A 619 10.89 -0.13 -5.09
C ALA A 619 11.81 -1.28 -5.47
N SER A 620 12.65 -1.73 -4.53
CA SER A 620 13.57 -2.83 -4.78
C SER A 620 13.74 -3.66 -3.51
N LYS A 621 13.93 -4.96 -3.70
CA LYS A 621 14.28 -5.86 -2.61
C LYS A 621 15.78 -5.82 -2.37
N VAL A 622 16.19 -5.21 -1.26
CA VAL A 622 17.58 -5.13 -0.87
C VAL A 622 17.75 -5.95 0.41
N PRO A 623 18.59 -6.98 0.41
CA PRO A 623 18.83 -7.73 1.64
C PRO A 623 19.46 -6.83 2.69
N ASP A 624 18.91 -6.88 3.91
CA ASP A 624 19.50 -6.11 4.99
C ASP A 624 20.83 -6.72 5.39
N ILE A 625 21.35 -6.38 6.56
CA ILE A 625 22.63 -6.95 6.96
C ILE A 625 22.51 -8.45 7.23
N HIS A 626 21.35 -8.90 7.73
CA HIS A 626 21.17 -10.28 8.19
C HIS A 626 20.77 -11.23 7.07
N ASP A 627 21.00 -10.85 5.81
CA ASP A 627 20.53 -11.61 4.65
C ASP A 627 19.03 -11.88 4.74
N VAL A 628 18.27 -10.80 4.92
CA VAL A 628 16.82 -10.82 4.85
C VAL A 628 16.43 -9.89 3.70
N ALA A 629 15.83 -10.46 2.66
CA ALA A 629 15.32 -9.69 1.54
C ALA A 629 14.19 -8.77 2.01
N LEU A 630 14.51 -7.49 2.20
CA LEU A 630 13.47 -6.51 2.53
C LEU A 630 13.05 -5.73 1.29
N MET A 631 11.73 -5.54 1.16
CA MET A 631 11.18 -4.69 0.11
C MET A 631 11.17 -3.26 0.62
N GLU A 632 11.99 -2.42 -0.01
CA GLU A 632 12.15 -1.03 0.36
C GLU A 632 11.29 -0.13 -0.52
N ASP A 633 10.98 1.05 0.01
CA ASP A 633 10.32 2.14 -0.69
C ASP A 633 10.81 3.43 -0.03
N ARG A 634 10.10 4.54 -0.26
CA ARG A 634 10.55 5.80 0.30
C ARG A 634 10.28 5.93 1.81
N ALA A 635 9.27 5.22 2.35
CA ALA A 635 9.03 5.23 3.80
C ALA A 635 10.20 4.59 4.55
N THR A 636 10.63 3.41 4.10
CA THR A 636 11.68 2.69 4.82
C THR A 636 12.99 3.46 4.76
N LEU A 637 13.28 4.07 3.60
CA LEU A 637 14.46 4.91 3.48
C LEU A 637 14.32 6.19 4.29
N ARG A 638 13.08 6.64 4.51
CA ARG A 638 12.91 7.79 5.37
C ARG A 638 13.29 7.46 6.81
N ILE A 639 12.97 6.24 7.27
CA ILE A 639 13.34 5.81 8.63
C ILE A 639 14.85 5.68 8.75
N SER A 640 15.49 4.98 7.82
CA SER A 640 16.92 4.69 7.92
C SER A 640 17.74 5.97 7.95
N SER A 641 17.51 6.85 6.96
CA SER A 641 18.29 8.07 6.82
C SER A 641 17.95 9.05 7.93
N GLN A 642 16.69 9.07 8.38
CA GLN A 642 16.35 9.93 9.51
C GLN A 642 17.09 9.45 10.76
N LEU A 643 17.27 8.13 10.87
CA LEU A 643 17.83 7.54 12.07
C LEU A 643 19.29 7.92 12.25
N LEU A 644 20.15 7.58 11.26
CA LEU A 644 21.53 8.05 11.31
C LEU A 644 21.58 9.54 11.50
N ALA A 645 20.77 10.29 10.74
CA ALA A 645 20.67 11.72 10.93
C ALA A 645 20.50 12.08 12.41
N ASN A 646 19.58 11.39 13.11
CA ASN A 646 19.38 11.67 14.53
C ASN A 646 20.63 11.33 15.34
N TRP A 647 21.24 10.17 15.07
CA TRP A 647 22.43 9.78 15.84
C TRP A 647 23.62 10.68 15.56
N LEU A 648 23.63 11.33 14.40
CA LEU A 648 24.66 12.31 14.09
C LEU A 648 24.44 13.61 14.85
N ARG A 649 23.18 14.02 15.03
CA ARG A 649 22.92 15.33 15.62
C ARG A 649 23.19 15.33 17.11
N HIS A 650 23.19 14.15 17.74
CA HIS A 650 23.52 14.02 19.16
C HIS A 650 24.84 13.28 19.39
N GLY A 651 25.69 13.21 18.37
CA GLY A 651 27.03 12.72 18.58
C GLY A 651 27.12 11.28 18.99
N VAL A 652 26.15 10.45 18.60
CA VAL A 652 26.32 9.02 18.76
C VAL A 652 27.41 8.51 17.82
N ILE A 653 27.55 9.10 16.63
CA ILE A 653 28.61 8.76 15.68
C ILE A 653 29.01 10.04 14.92
N THR A 654 29.84 9.91 13.89
CA THR A 654 30.40 11.05 13.18
C THR A 654 30.10 10.97 11.69
N SER A 655 30.42 12.08 10.99
CA SER A 655 30.28 12.13 9.53
C SER A 655 31.25 11.19 8.83
N ALA A 656 32.50 11.12 9.32
CA ALA A 656 33.48 10.23 8.72
C ALA A 656 33.19 8.78 9.02
N ASP A 657 32.58 8.49 10.18
CA ASP A 657 32.15 7.14 10.44
C ASP A 657 31.03 6.72 9.49
N VAL A 658 30.05 7.59 9.28
CA VAL A 658 29.00 7.31 8.30
C VAL A 658 29.60 7.09 6.91
N ARG A 659 30.48 8.00 6.46
CA ARG A 659 31.15 7.81 5.17
C ARG A 659 31.87 6.47 5.09
N ALA A 660 32.45 6.03 6.21
CA ALA A 660 33.15 4.75 6.24
C ALA A 660 32.21 3.60 5.91
N SER A 661 31.09 3.50 6.63
CA SER A 661 30.11 2.45 6.33
C SER A 661 29.53 2.61 4.92
N LEU A 662 29.31 3.86 4.49
CA LEU A 662 28.92 4.09 3.10
C LEU A 662 29.89 3.40 2.14
N GLU A 663 31.19 3.69 2.27
CA GLU A 663 32.17 3.08 1.38
C GLU A 663 32.38 1.60 1.71
N ARG A 664 32.09 1.20 2.95
CA ARG A 664 32.27 -0.20 3.35
C ARG A 664 31.29 -1.11 2.62
N MET A 665 30.07 -0.63 2.36
CA MET A 665 29.04 -1.47 1.77
C MET A 665 28.81 -1.26 0.29
N ALA A 666 29.20 -0.10 -0.23
CA ALA A 666 29.03 0.18 -1.66
C ALA A 666 29.67 -0.86 -2.58
N PRO A 667 30.78 -1.52 -2.21
CA PRO A 667 31.15 -2.70 -3.00
C PRO A 667 30.13 -3.82 -2.87
N LEU A 668 29.52 -3.99 -1.70
CA LEU A 668 28.68 -5.16 -1.46
C LEU A 668 27.36 -5.11 -2.20
N VAL A 669 26.79 -3.92 -2.43
CA VAL A 669 25.51 -3.91 -3.15
C VAL A 669 25.71 -4.16 -4.62
N ASP A 670 26.90 -3.86 -5.13
CA ASP A 670 27.17 -4.08 -6.54
C ASP A 670 27.27 -5.55 -6.88
N ARG A 671 27.96 -6.32 -6.05
CA ARG A 671 27.93 -7.77 -6.22
C ARG A 671 26.55 -8.32 -5.85
N GLN A 672 25.89 -7.71 -4.87
CA GLN A 672 24.47 -7.98 -4.67
C GLN A 672 23.62 -7.59 -5.88
N ASN A 673 24.09 -6.66 -6.71
CA ASN A 673 23.42 -6.40 -7.98
C ASN A 673 24.07 -7.20 -9.12
N VAL A 677 21.91 -6.73 -16.10
CA VAL A 677 22.97 -6.10 -16.88
C VAL A 677 22.74 -4.58 -16.92
N ALA A 678 23.64 -3.86 -17.60
CA ALA A 678 23.53 -2.41 -17.77
C ALA A 678 23.30 -1.70 -16.44
N TYR A 679 24.17 -2.02 -15.48
CA TYR A 679 24.16 -1.46 -14.14
C TYR A 679 25.51 -0.80 -13.86
N ARG A 680 25.50 0.26 -13.05
CA ARG A 680 26.71 1.04 -12.84
C ARG A 680 27.27 0.85 -11.45
N PRO A 681 28.50 0.33 -11.30
CA PRO A 681 29.11 0.20 -9.97
C PRO A 681 29.27 1.55 -9.28
N MET A 682 29.73 1.49 -8.03
CA MET A 682 29.82 2.66 -7.16
C MET A 682 31.22 2.85 -6.59
N ALA A 683 31.92 1.76 -6.37
CA ALA A 683 33.28 1.78 -5.89
C ALA A 683 34.23 1.41 -7.03
N PRO A 684 35.43 2.01 -7.07
CA PRO A 684 36.02 2.88 -6.04
C PRO A 684 35.64 4.35 -6.17
N ASN A 685 35.04 4.70 -7.30
CA ASN A 685 34.77 6.10 -7.61
C ASN A 685 33.49 6.52 -6.91
N PHE A 686 33.62 6.96 -5.67
CA PHE A 686 32.46 7.43 -4.94
C PHE A 686 32.07 8.84 -5.34
N ASP A 687 33.03 9.65 -5.79
CA ASP A 687 32.67 11.00 -6.21
C ASP A 687 31.83 11.00 -7.47
N ASP A 688 32.19 10.14 -8.44
CA ASP A 688 31.51 10.12 -9.72
C ASP A 688 30.27 9.24 -9.75
N SER A 689 29.56 9.04 -8.63
CA SER A 689 28.28 8.33 -8.65
C SER A 689 27.21 9.23 -8.02
N ILE A 690 26.27 9.67 -8.86
CA ILE A 690 25.16 10.49 -8.39
C ILE A 690 24.30 9.72 -7.38
N ALA A 691 24.29 8.38 -7.49
CA ALA A 691 23.53 7.56 -6.55
C ALA A 691 24.22 7.51 -5.19
N PHE A 692 25.53 7.22 -5.16
CA PHE A 692 26.26 7.18 -3.89
C PHE A 692 26.19 8.53 -3.20
N LEU A 693 26.45 9.60 -3.96
CA LEU A 693 26.56 10.92 -3.35
C LEU A 693 25.20 11.44 -2.91
N ALA A 694 24.13 10.97 -3.55
CA ALA A 694 22.77 11.22 -3.06
C ALA A 694 22.51 10.57 -1.70
N ALA A 695 22.84 9.27 -1.56
CA ALA A 695 22.65 8.59 -0.27
C ALA A 695 23.39 9.34 0.83
N GLN A 696 24.61 9.78 0.54
CA GLN A 696 25.38 10.55 1.51
C GLN A 696 24.66 11.83 1.90
N GLU A 697 24.14 12.56 0.92
CA GLU A 697 23.31 13.73 1.21
C GLU A 697 22.12 13.34 2.07
N LEU A 698 21.42 12.26 1.72
CA LEU A 698 20.18 11.92 2.39
C LEU A 698 20.38 11.75 3.90
N ILE A 699 21.58 11.33 4.32
CA ILE A 699 21.93 11.19 5.75
C ILE A 699 22.46 12.51 6.30
N LEU A 700 23.56 13.01 5.71
CA LEU A 700 24.29 14.15 6.27
C LEU A 700 23.44 15.43 6.31
N SER A 701 22.55 15.63 5.35
CA SER A 701 21.62 16.75 5.44
C SER A 701 20.21 16.30 5.81
N GLY A 702 20.00 14.98 5.97
CA GLY A 702 18.77 14.38 6.48
C GLY A 702 17.92 15.23 7.40
N ALA A 703 18.54 15.84 8.41
CA ALA A 703 17.79 16.61 9.39
C ALA A 703 17.12 17.87 8.80
N GLN A 704 17.65 18.42 7.71
CA GLN A 704 17.17 19.70 7.19
C GLN A 704 16.13 19.59 6.08
N GLN A 705 15.58 18.35 5.82
CA GLN A 705 14.47 18.30 4.88
C GLN A 705 13.15 18.55 5.62
N PRO A 706 12.12 19.10 4.95
CA PRO A 706 10.87 19.37 5.65
C PRO A 706 10.25 18.06 6.13
N ASN A 707 10.19 17.86 7.45
CA ASN A 707 9.58 16.66 8.01
C ASN A 707 10.33 15.39 7.60
N GLY A 708 11.61 15.55 7.26
CA GLY A 708 12.44 14.43 6.87
C GLY A 708 11.99 13.73 5.62
N TYR A 709 11.30 14.42 4.72
CA TYR A 709 10.86 13.79 3.47
C TYR A 709 12.05 13.62 2.52
N THR A 710 12.00 12.58 1.69
CA THR A 710 13.13 12.20 0.86
C THR A 710 12.91 12.47 -0.63
N GLU A 711 11.74 12.95 -1.02
CA GLU A 711 11.48 13.30 -2.42
C GLU A 711 12.41 14.38 -2.95
N PRO A 712 12.64 15.53 -2.24
CA PRO A 712 13.54 16.56 -2.79
C PRO A 712 14.87 16.02 -3.28
N ILE A 713 15.64 15.45 -2.36
CA ILE A 713 16.99 15.02 -2.72
C ILE A 713 16.93 13.93 -3.79
N LEU A 714 15.92 13.05 -3.73
CA LEU A 714 15.84 11.98 -4.72
C LEU A 714 15.43 12.56 -6.07
N HIS A 715 14.57 13.57 -6.07
CA HIS A 715 14.09 14.11 -7.32
C HIS A 715 15.16 14.96 -8.00
N ARG A 716 15.90 15.75 -7.22
CA ARG A 716 17.01 16.52 -7.80
C ARG A 716 18.09 15.59 -8.35
N ARG A 717 18.38 14.48 -7.68
CA ARG A 717 19.46 13.61 -8.12
C ARG A 717 19.04 12.72 -9.29
N ARG A 718 17.81 12.21 -9.27
CA ARG A 718 17.30 11.46 -10.40
C ARG A 718 17.37 12.31 -11.68
N ARG A 719 16.85 13.55 -11.61
CA ARG A 719 16.94 14.43 -12.78
C ARG A 719 18.38 14.71 -13.17
N GLU A 720 19.28 14.81 -12.19
CA GLU A 720 20.69 15.04 -12.49
C GLU A 720 21.27 13.90 -13.33
N PHE A 721 21.12 12.66 -12.86
CA PHE A 721 21.61 11.50 -13.60
C PHE A 721 21.11 11.49 -15.05
N LYS A 722 19.81 11.76 -15.23
CA LYS A 722 19.26 11.89 -16.57
C LYS A 722 20.04 12.92 -17.38
N ALA A 723 20.28 14.10 -16.78
CA ALA A 723 20.92 15.18 -17.50
C ALA A 723 22.30 14.80 -17.99
N ARG A 724 23.07 14.10 -17.15
CA ARG A 724 24.39 13.63 -17.57
C ARG A 724 24.27 12.59 -18.67
N ALA A 725 23.27 11.72 -18.59
CA ALA A 725 23.18 10.61 -19.52
C ALA A 725 22.69 11.04 -20.88
N ALA A 726 22.27 12.28 -21.02
CA ALA A 726 21.76 12.80 -22.29
C ALA A 726 22.83 13.54 -23.08
N GLU A 727 23.77 14.19 -22.40
CA GLU A 727 24.89 14.87 -23.03
C GLU A 727 25.52 14.09 -24.18
MG MG B . 3.41 5.58 3.77
MG MG C . -16.64 -18.32 11.54
C10 ENG D . 6.38 0.60 2.48
C15 ENG D . 5.18 0.21 0.49
C02 ENG D . 3.88 3.30 5.17
C04 ENG D . 3.14 2.94 3.84
C06 ENG D . 3.52 1.89 3.12
C07 ENG D . 4.40 2.06 2.03
C09 ENG D . 5.31 0.93 1.66
C11 ENG D . 7.26 -0.42 2.16
C12 ENG D . 7.07 -1.13 0.97
C14 ENG D . 6.03 -0.82 0.11
O01 ENG D . 3.68 2.48 6.08
O03 ENG D . 4.62 4.30 5.19
O05 ENG D . 2.47 3.93 3.17
O08 ENG D . 4.48 3.11 1.41
O13 ENG D . 7.92 -2.13 0.63
BR16 ENG D . 3.72 0.60 -0.72
#